data_4WSH
#
_entry.id   4WSH
#
_cell.length_a   71.760
_cell.length_b   73.880
_cell.length_c   141.880
_cell.angle_alpha   90.000
_cell.angle_beta   90.000
_cell.angle_gamma   90.000
#
_symmetry.space_group_name_H-M   'P 21 21 21'
#
loop_
_entity.id
_entity.type
_entity.pdbx_description
1 polymer 'Uroporphyrinogen decarboxylase'
2 non-polymer 'CHLORIDE ION'
3 non-polymer 'SULFATE ION'
4 water water
#
_entity_poly.entity_id   1
_entity_poly.type   'polypeptide(L)'
_entity_poly.pdbx_seq_one_letter_code
;MAHHHHHHMTALKNDRFLRALLKQPVDVTPVWMMRQAGRYLPEYRATRAKAGDFMSLCMNPELACEVTLQPLDRYPQLDA
AILFSDILTIPDAMGQGLYFETGEGPRFRKVVSSLADIEALPVPDPEQDLGYVMDAVRTIRRELNGRVPLIGFSGSPWTL
ATYMVEGGSSKDFRKSKAMLYDNPKAMHALLDKLAQSVTSYLNGQIHAGAQAVQIFDSWGGSLSAAAYQEFSLAYMRKIV
DGLIREHDGRRVPVILFTKGGGLWLESMAEVGAEALGLDWTCDIGSARARVGERVALQGNMDPSVLYANPAAIRAEVARI
LAAYGKGTGHVFNLGHGITPEVDPAHAGAFFEAVHELSAQYHG
;
_entity_poly.pdbx_strand_id   A,B
#
# COMPACT_ATOMS: atom_id res chain seq x y z
N MET A 9 26.45 30.94 11.55
CA MET A 9 26.14 29.52 11.75
C MET A 9 25.86 29.22 13.23
N THR A 10 24.60 28.90 13.55
CA THR A 10 24.20 28.66 14.93
C THR A 10 24.61 27.26 15.41
N ALA A 11 24.79 27.14 16.72
CA ALA A 11 25.45 25.98 17.32
C ALA A 11 24.56 24.75 17.43
N LEU A 12 25.08 23.61 17.00
CA LEU A 12 24.49 22.32 17.31
C LEU A 12 25.53 21.47 18.04
N LYS A 13 25.10 20.74 19.07
CA LYS A 13 25.98 19.80 19.76
C LYS A 13 26.06 18.48 19.00
N ASN A 14 24.98 18.13 18.32
CA ASN A 14 24.92 16.91 17.53
C ASN A 14 24.29 17.24 16.20
N ASP A 15 25.00 16.99 15.10
CA ASP A 15 24.44 17.23 13.78
C ASP A 15 24.61 16.07 12.80
N ARG A 16 24.86 14.87 13.30
CA ARG A 16 25.06 13.73 12.41
C ARG A 16 23.84 13.48 11.51
N PHE A 17 22.64 13.82 11.98
CA PHE A 17 21.42 13.72 11.15
C PHE A 17 21.56 14.56 9.88
N LEU A 18 21.96 15.82 10.04
CA LEU A 18 22.12 16.71 8.91
C LEU A 18 23.23 16.22 7.99
N ARG A 19 24.33 15.79 8.58
CA ARG A 19 25.48 15.33 7.81
CA ARG A 19 25.48 15.33 7.82
C ARG A 19 25.15 14.10 6.96
N ALA A 20 24.40 13.15 7.51
CA ALA A 20 24.01 11.97 6.73
C ALA A 20 23.13 12.36 5.54
N LEU A 21 22.24 13.33 5.75
CA LEU A 21 21.33 13.77 4.69
C LEU A 21 22.07 14.45 3.55
N LEU A 22 23.20 15.06 3.89
CA LEU A 22 24.03 15.81 2.95
C LEU A 22 25.22 14.97 2.48
N LYS A 23 25.16 13.67 2.76
CA LYS A 23 26.21 12.71 2.34
C LYS A 23 27.60 13.08 2.87
N GLN A 24 27.66 13.61 4.09
CA GLN A 24 28.93 13.90 4.74
C GLN A 24 29.27 12.79 5.72
N PRO A 25 30.57 12.58 5.99
CA PRO A 25 31.00 11.49 6.88
C PRO A 25 30.36 11.60 8.25
N VAL A 26 29.92 10.46 8.78
CA VAL A 26 29.36 10.42 10.11
C VAL A 26 29.96 9.23 10.86
N ASP A 27 29.88 9.28 12.18
CA ASP A 27 30.49 8.26 13.03
C ASP A 27 29.60 7.02 13.11
N VAL A 28 28.30 7.26 13.31
CA VAL A 28 27.30 6.18 13.30
C VAL A 28 26.14 6.60 12.39
N THR A 29 25.29 5.64 12.02
CA THR A 29 24.07 5.97 11.27
C THR A 29 23.08 6.70 12.19
N PRO A 30 22.65 7.91 11.78
CA PRO A 30 21.70 8.64 12.62
C PRO A 30 20.34 7.96 12.66
N VAL A 31 19.62 8.18 13.74
CA VAL A 31 18.29 7.60 13.85
C VAL A 31 17.31 8.60 14.44
N TRP A 32 16.09 8.60 13.91
CA TRP A 32 14.99 9.26 14.60
C TRP A 32 13.75 8.48 14.22
N MET A 33 12.60 8.83 14.76
CA MET A 33 11.44 7.98 14.54
C MET A 33 10.18 8.82 14.34
N MET A 34 9.49 8.56 13.24
CA MET A 34 8.24 9.23 12.98
C MET A 34 7.31 8.93 14.14
N ARG A 35 6.65 10.00 14.62
CA ARG A 35 5.74 9.95 15.76
CA ARG A 35 5.74 9.94 15.77
C ARG A 35 6.47 9.61 17.06
N GLN A 36 7.74 9.99 17.15
CA GLN A 36 8.51 9.71 18.37
C GLN A 36 7.94 10.47 19.58
N ALA A 37 7.22 11.56 19.33
CA ALA A 37 6.36 12.13 20.36
C ALA A 37 4.94 11.67 20.08
N GLY A 38 4.42 10.82 20.94
CA GLY A 38 3.10 10.24 20.70
C GLY A 38 2.66 9.33 21.81
N ARG A 39 1.52 8.68 21.61
CA ARG A 39 0.83 8.02 22.70
C ARG A 39 1.56 6.78 23.25
N TYR A 40 2.56 6.28 22.55
CA TYR A 40 3.30 5.13 23.11
C TYR A 40 4.05 5.56 24.39
N LEU A 41 4.32 6.86 24.57
CA LEU A 41 5.01 7.34 25.78
C LEU A 41 4.01 7.73 26.87
N PRO A 42 4.17 7.16 28.07
CA PRO A 42 3.25 7.54 29.14
C PRO A 42 3.38 9.03 29.49
N GLU A 43 4.57 9.60 29.37
CA GLU A 43 4.69 11.04 29.67
C GLU A 43 3.95 11.88 28.62
N TYR A 44 3.88 11.39 27.39
CA TYR A 44 3.11 12.07 26.37
C TYR A 44 1.63 12.08 26.73
N ARG A 45 1.12 10.91 27.10
CA ARG A 45 -0.28 10.75 27.42
C ARG A 45 -0.67 11.63 28.61
N ALA A 46 0.24 11.79 29.54
CA ALA A 46 0.00 12.67 30.69
C ALA A 46 -0.10 14.13 30.23
N THR A 47 0.81 14.55 29.36
CA THR A 47 0.78 15.92 28.89
C THR A 47 -0.49 16.18 28.05
N ARG A 48 -0.84 15.22 27.21
CA ARG A 48 -2.05 15.29 26.37
C ARG A 48 -3.31 15.39 27.21
N ALA A 49 -3.34 14.65 28.31
CA ALA A 49 -4.48 14.73 29.23
C ALA A 49 -4.55 16.12 29.87
N LYS A 50 -3.40 16.68 30.21
CA LYS A 50 -3.33 18.01 30.81
C LYS A 50 -3.80 19.08 29.82
N ALA A 51 -3.67 18.79 28.52
CA ALA A 51 -4.10 19.72 27.48
C ALA A 51 -5.58 19.52 27.13
N GLY A 52 -6.10 18.33 27.37
CA GLY A 52 -7.49 18.03 27.10
C GLY A 52 -7.70 17.20 25.86
N ASP A 53 -6.96 17.52 24.80
CA ASP A 53 -7.05 16.78 23.54
C ASP A 53 -5.84 17.08 22.64
N PHE A 54 -5.79 16.40 21.50
CA PHE A 54 -4.69 16.56 20.55
C PHE A 54 -4.62 17.98 19.98
N MET A 55 -5.77 18.52 19.59
CA MET A 55 -5.83 19.84 18.96
C MET A 55 -5.31 20.92 19.90
N SER A 56 -5.70 20.85 21.17
CA SER A 56 -5.28 21.81 22.17
C SER A 56 -3.78 21.72 22.39
N LEU A 57 -3.27 20.50 22.30
CA LEU A 57 -1.85 20.26 22.45
C LEU A 57 -1.07 20.92 21.32
N CYS A 58 -1.56 20.76 20.10
CA CYS A 58 -0.94 21.39 18.93
C CYS A 58 -0.99 22.92 19.01
N MET A 59 -2.03 23.45 19.62
CA MET A 59 -2.25 24.90 19.59
CA MET A 59 -2.20 24.90 19.57
C MET A 59 -1.64 25.64 20.78
N ASN A 60 -0.96 24.90 21.64
CA ASN A 60 -0.28 25.48 22.79
C ASN A 60 1.21 25.27 22.62
N PRO A 61 1.94 26.30 22.20
CA PRO A 61 3.36 26.14 21.86
C PRO A 61 4.20 25.57 23.01
N GLU A 62 3.87 25.92 24.25
CA GLU A 62 4.64 25.45 25.38
C GLU A 62 4.46 23.94 25.55
N LEU A 63 3.24 23.45 25.33
CA LEU A 63 2.98 22.02 25.48
C LEU A 63 3.47 21.22 24.26
N ALA A 64 3.37 21.82 23.08
CA ALA A 64 3.91 21.20 21.88
C ALA A 64 5.43 21.03 22.01
N CYS A 65 6.07 22.02 22.60
CA CYS A 65 7.50 21.90 22.90
C CYS A 65 7.76 20.79 23.92
N GLU A 66 6.95 20.76 24.98
CA GLU A 66 7.11 19.76 26.04
C GLU A 66 7.09 18.33 25.47
N VAL A 67 6.11 18.03 24.64
CA VAL A 67 6.05 16.66 24.11
C VAL A 67 7.12 16.42 23.06
N THR A 68 7.53 17.47 22.35
CA THR A 68 8.58 17.32 21.33
C THR A 68 9.88 16.86 21.99
N LEU A 69 10.13 17.35 23.21
CA LEU A 69 11.40 17.07 23.87
C LEU A 69 11.37 15.75 24.66
N GLN A 70 10.19 15.24 24.96
CA GLN A 70 10.09 14.03 25.79
C GLN A 70 10.86 12.83 25.22
N PRO A 71 10.68 12.50 23.92
CA PRO A 71 11.42 11.31 23.48
C PRO A 71 12.93 11.51 23.54
N LEU A 72 13.39 12.73 23.35
CA LEU A 72 14.80 13.01 23.42
C LEU A 72 15.37 12.78 24.81
N ASP A 73 14.62 13.19 25.84
CA ASP A 73 15.05 12.98 27.22
C ASP A 73 15.04 11.50 27.59
N ARG A 74 14.10 10.74 27.02
CA ARG A 74 14.00 9.32 27.33
C ARG A 74 15.05 8.53 26.56
N TYR A 75 15.32 8.98 25.34
CA TYR A 75 16.17 8.24 24.42
C TYR A 75 17.34 9.08 23.91
N PRO A 76 18.48 9.03 24.61
CA PRO A 76 19.64 9.83 24.20
C PRO A 76 20.16 9.52 22.79
N GLN A 77 19.85 8.33 22.27
CA GLN A 77 20.29 7.97 20.93
C GLN A 77 19.62 8.79 19.81
N LEU A 78 18.42 9.30 20.07
CA LEU A 78 17.69 9.99 18.99
C LEU A 78 18.50 11.17 18.45
N ASP A 79 18.62 11.28 17.13
CA ASP A 79 19.48 12.31 16.55
C ASP A 79 18.75 13.50 15.95
N ALA A 80 17.45 13.60 16.18
CA ALA A 80 16.70 14.72 15.64
C ALA A 80 15.42 14.86 16.41
N ALA A 81 14.91 16.10 16.48
CA ALA A 81 13.58 16.38 16.97
C ALA A 81 12.68 16.70 15.78
N ILE A 82 11.40 16.37 15.89
CA ILE A 82 10.46 16.82 14.86
C ILE A 82 9.39 17.67 15.51
N LEU A 83 9.08 18.80 14.88
CA LEU A 83 8.00 19.68 15.30
C LEU A 83 6.73 18.91 15.60
N PHE A 84 6.21 19.03 16.82
CA PHE A 84 4.94 18.44 17.12
C PHE A 84 3.83 19.34 16.57
N SER A 85 3.05 18.83 15.62
CA SER A 85 1.99 19.66 15.04
C SER A 85 1.01 18.78 14.29
N ASP A 86 -0.06 19.40 13.81
CA ASP A 86 -1.13 18.66 13.15
C ASP A 86 -0.92 18.73 11.65
N ILE A 87 -1.10 17.60 10.99
CA ILE A 87 -0.95 17.57 9.54
C ILE A 87 -2.02 18.47 8.88
N LEU A 88 -3.12 18.71 9.58
CA LEU A 88 -4.27 19.40 9.03
C LEU A 88 -4.32 20.89 9.33
N THR A 89 -3.19 21.42 9.77
CA THR A 89 -3.06 22.82 10.11
CA THR A 89 -3.15 22.84 10.14
C THR A 89 -3.50 23.77 8.98
N ILE A 90 -2.99 23.50 7.78
CA ILE A 90 -3.20 24.43 6.67
C ILE A 90 -4.68 24.49 6.25
N PRO A 91 -5.34 23.35 5.99
CA PRO A 91 -6.76 23.48 5.64
C PRO A 91 -7.62 24.06 6.77
N ASP A 92 -7.24 23.86 8.01
CA ASP A 92 -7.95 24.54 9.10
C ASP A 92 -7.75 26.06 8.99
N ALA A 93 -6.51 26.49 8.78
CA ALA A 93 -6.22 27.92 8.60
C ALA A 93 -6.93 28.49 7.37
N MET A 94 -7.19 27.64 6.38
CA MET A 94 -7.94 28.04 5.19
C MET A 94 -9.42 28.28 5.45
N GLY A 95 -9.90 27.85 6.61
CA GLY A 95 -11.29 28.09 6.97
C GLY A 95 -12.23 26.91 6.84
N GLN A 96 -11.71 25.70 6.63
CA GLN A 96 -12.55 24.54 6.36
C GLN A 96 -13.16 23.89 7.61
N GLY A 97 -12.79 24.39 8.78
CA GLY A 97 -13.50 23.99 9.99
C GLY A 97 -13.16 22.60 10.50
N LEU A 98 -11.88 22.42 10.86
CA LEU A 98 -11.40 21.19 11.46
C LEU A 98 -12.03 20.95 12.82
N TYR A 99 -12.56 19.74 13.04
CA TYR A 99 -13.05 19.33 14.35
C TYR A 99 -12.83 17.83 14.49
N PHE A 100 -13.27 17.25 15.59
CA PHE A 100 -13.01 15.82 15.81
C PHE A 100 -14.28 15.05 16.20
N GLU A 101 -14.80 14.28 15.23
CA GLU A 101 -15.99 13.47 15.43
C GLU A 101 -15.69 12.37 16.44
N THR A 102 -16.45 12.37 17.54
CA THR A 102 -16.16 11.57 18.73
C THR A 102 -15.70 10.11 18.49
N GLY A 103 -16.32 9.44 17.53
CA GLY A 103 -16.04 8.03 17.32
C GLY A 103 -15.21 7.71 16.08
N GLU A 104 -14.82 8.73 15.33
CA GLU A 104 -14.15 8.53 14.05
C GLU A 104 -12.71 9.02 14.07
N GLY A 105 -12.54 10.30 13.72
CA GLY A 105 -11.24 10.92 13.63
C GLY A 105 -11.43 12.36 13.20
N PRO A 106 -10.36 13.01 12.76
CA PRO A 106 -10.49 14.41 12.33
C PRO A 106 -11.44 14.55 11.14
N ARG A 107 -12.26 15.59 11.15
CA ARG A 107 -13.16 15.89 10.03
C ARG A 107 -13.18 17.39 9.78
N PHE A 108 -13.57 17.78 8.57
CA PHE A 108 -13.80 19.20 8.28
C PHE A 108 -15.28 19.42 8.10
N ARG A 109 -15.81 20.51 8.63
CA ARG A 109 -17.19 20.90 8.46
CA ARG A 109 -17.23 20.65 8.39
C ARG A 109 -17.48 21.22 7.00
N LYS A 110 -16.49 21.86 6.38
CA LYS A 110 -16.61 22.25 4.96
C LYS A 110 -15.81 21.29 4.09
N VAL A 111 -16.42 20.90 2.96
CA VAL A 111 -15.81 19.94 2.05
C VAL A 111 -15.69 20.56 0.65
N VAL A 112 -14.54 20.39 0.05
CA VAL A 112 -14.28 20.92 -1.28
C VAL A 112 -14.93 20.03 -2.35
N SER A 113 -15.73 20.62 -3.23
CA SER A 113 -16.43 19.84 -4.24
C SER A 113 -16.50 20.51 -5.60
N SER A 114 -16.08 21.76 -5.68
CA SER A 114 -16.21 22.52 -6.91
C SER A 114 -15.06 23.50 -7.10
N LEU A 115 -14.88 23.91 -8.35
CA LEU A 115 -13.88 24.93 -8.68
C LEU A 115 -14.11 26.21 -7.88
N ALA A 116 -15.37 26.58 -7.70
CA ALA A 116 -15.70 27.80 -6.98
C ALA A 116 -15.30 27.71 -5.51
N ASP A 117 -15.50 26.54 -4.92
CA ASP A 117 -15.05 26.28 -3.55
C ASP A 117 -13.56 26.55 -3.47
N ILE A 118 -12.83 26.03 -4.45
CA ILE A 118 -11.38 26.11 -4.46
C ILE A 118 -10.86 27.53 -4.65
N GLU A 119 -11.49 28.27 -5.56
CA GLU A 119 -11.09 29.66 -5.83
C GLU A 119 -11.23 30.54 -4.59
N ALA A 120 -12.24 30.27 -3.78
CA ALA A 120 -12.51 31.06 -2.59
C ALA A 120 -11.47 30.87 -1.48
N LEU A 121 -10.75 29.76 -1.52
CA LEU A 121 -9.79 29.43 -0.44
C LEU A 121 -8.65 30.42 -0.39
N PRO A 122 -8.32 30.91 0.81
CA PRO A 122 -7.16 31.80 0.96
C PRO A 122 -5.88 31.00 1.18
N VAL A 123 -4.75 31.62 0.92
CA VAL A 123 -3.46 31.05 1.25
C VAL A 123 -2.97 31.63 2.58
N PRO A 124 -2.98 30.81 3.64
CA PRO A 124 -2.61 31.32 4.97
C PRO A 124 -1.19 31.86 4.97
N ASP A 125 -0.98 32.92 5.76
CA ASP A 125 0.36 33.42 6.00
C ASP A 125 0.87 32.78 7.27
N PRO A 126 2.08 32.18 7.22
CA PRO A 126 2.57 31.41 8.39
C PRO A 126 2.64 32.21 9.69
N GLU A 127 3.32 33.36 9.68
CA GLU A 127 3.47 34.09 10.93
C GLU A 127 2.17 34.79 11.31
N GLN A 128 1.42 35.30 10.33
CA GLN A 128 0.23 36.08 10.66
C GLN A 128 -0.96 35.18 11.03
N ASP A 129 -1.08 34.01 10.40
CA ASP A 129 -2.27 33.18 10.56
C ASP A 129 -2.00 31.84 11.24
N LEU A 130 -0.74 31.43 11.26
CA LEU A 130 -0.37 30.18 11.94
C LEU A 130 0.73 30.47 12.97
N GLY A 131 0.60 31.60 13.65
CA GLY A 131 1.59 32.02 14.62
C GLY A 131 1.83 30.98 15.69
N TYR A 132 0.82 30.20 16.04
CA TYR A 132 0.99 29.22 17.12
C TYR A 132 1.94 28.10 16.69
N VAL A 133 1.96 27.80 15.39
CA VAL A 133 2.93 26.85 14.89
C VAL A 133 4.34 27.47 14.86
N MET A 134 4.46 28.70 14.38
CA MET A 134 5.77 29.35 14.30
C MET A 134 6.34 29.56 15.72
N ASP A 135 5.46 29.85 16.68
CA ASP A 135 5.89 30.00 18.07
C ASP A 135 6.44 28.66 18.59
N ALA A 136 5.77 27.57 18.23
CA ALA A 136 6.22 26.24 18.65
C ALA A 136 7.61 25.97 18.11
N VAL A 137 7.82 26.26 16.82
CA VAL A 137 9.15 26.12 16.25
C VAL A 137 10.22 26.94 17.00
N ARG A 138 9.94 28.22 17.26
CA ARG A 138 10.87 29.07 17.99
C ARG A 138 11.13 28.52 19.39
N THR A 139 10.06 28.09 20.06
CA THR A 139 10.18 27.63 21.44
C THR A 139 11.03 26.35 21.50
N ILE A 140 10.73 25.41 20.62
CA ILE A 140 11.47 24.15 20.57
C ILE A 140 12.93 24.41 20.23
N ARG A 141 13.17 25.22 19.21
CA ARG A 141 14.53 25.58 18.83
C ARG A 141 15.30 26.15 20.04
N ARG A 142 14.64 26.98 20.83
CA ARG A 142 15.30 27.56 21.98
C ARG A 142 15.53 26.52 23.08
N GLU A 143 14.50 25.75 23.42
CA GLU A 143 14.58 24.76 24.51
C GLU A 143 15.52 23.60 24.18
N LEU A 144 15.61 23.23 22.90
CA LEU A 144 16.56 22.19 22.48
C LEU A 144 17.99 22.57 22.82
N ASN A 145 18.28 23.87 22.77
CA ASN A 145 19.61 24.38 23.07
C ASN A 145 20.69 23.62 22.31
N GLY A 146 20.42 23.37 21.04
CA GLY A 146 21.37 22.76 20.14
C GLY A 146 21.67 21.29 20.34
N ARG A 147 20.89 20.59 21.17
CA ARG A 147 21.17 19.18 21.44
C ARG A 147 21.04 18.31 20.17
N VAL A 148 20.03 18.58 19.34
CA VAL A 148 19.85 17.91 18.05
C VAL A 148 19.17 18.87 17.06
N PRO A 149 19.30 18.62 15.74
CA PRO A 149 18.60 19.47 14.77
C PRO A 149 17.08 19.35 14.89
N LEU A 150 16.36 20.40 14.48
CA LEU A 150 14.91 20.38 14.48
C LEU A 150 14.37 20.20 13.06
N ILE A 151 13.49 19.21 12.90
CA ILE A 151 12.82 18.96 11.63
C ILE A 151 11.47 19.65 11.60
N GLY A 152 11.24 20.46 10.58
CA GLY A 152 9.91 21.00 10.36
C GLY A 152 9.20 20.09 9.36
N PHE A 153 7.88 20.20 9.22
CA PHE A 153 7.21 19.33 8.24
C PHE A 153 5.86 19.83 7.79
N SER A 154 5.36 19.20 6.75
CA SER A 154 4.03 19.48 6.22
C SER A 154 3.55 18.28 5.46
N GLY A 155 2.23 18.15 5.36
CA GLY A 155 1.66 17.22 4.41
C GLY A 155 1.92 17.71 3.00
N SER A 156 1.92 16.78 2.05
CA SER A 156 2.05 17.10 0.63
C SER A 156 0.73 17.68 0.14
N PRO A 157 0.76 18.38 -0.98
CA PRO A 157 -0.48 18.88 -1.61
C PRO A 157 -1.49 17.77 -1.91
N TRP A 158 -1.05 16.64 -2.47
CA TRP A 158 -1.97 15.55 -2.75
C TRP A 158 -2.62 15.06 -1.46
N THR A 159 -1.82 14.87 -0.42
CA THR A 159 -2.33 14.33 0.83
C THR A 159 -3.32 15.30 1.50
N LEU A 160 -2.96 16.57 1.52
CA LEU A 160 -3.85 17.59 2.03
C LEU A 160 -5.14 17.71 1.23
N ALA A 161 -5.00 17.70 -0.09
CA ALA A 161 -6.16 17.72 -0.97
C ALA A 161 -7.15 16.60 -0.65
N THR A 162 -6.64 15.40 -0.37
CA THR A 162 -7.54 14.27 -0.15
C THR A 162 -8.36 14.50 1.10
N TYR A 163 -7.73 15.03 2.16
CA TYR A 163 -8.48 15.32 3.37
C TYR A 163 -9.57 16.35 3.06
N MET A 164 -9.25 17.33 2.22
CA MET A 164 -10.19 18.43 1.99
C MET A 164 -11.34 18.02 1.12
N VAL A 165 -11.10 17.07 0.23
CA VAL A 165 -12.14 16.61 -0.67
C VAL A 165 -12.96 15.55 0.02
N GLU A 166 -12.31 14.67 0.78
CA GLU A 166 -13.06 13.64 1.51
C GLU A 166 -13.77 14.25 2.72
N GLY A 167 -13.15 15.26 3.32
CA GLY A 167 -13.73 15.88 4.50
C GLY A 167 -13.26 15.23 5.79
N GLY A 168 -12.18 14.45 5.69
CA GLY A 168 -11.63 13.74 6.83
C GLY A 168 -10.92 12.48 6.37
N SER A 169 -10.70 11.53 7.28
CA SER A 169 -10.12 10.23 6.92
C SER A 169 -11.02 9.49 5.94
N SER A 170 -10.38 8.71 5.07
N SER A 170 -10.43 8.72 5.03
CA SER A 170 -11.06 7.86 4.11
CA SER A 170 -11.21 8.24 3.90
C SER A 170 -10.28 6.55 3.93
C SER A 170 -11.38 6.72 3.80
N LYS A 171 -10.99 5.50 3.55
N LYS A 171 -12.52 6.33 3.21
CA LYS A 171 -10.37 4.20 3.31
CA LYS A 171 -12.75 4.96 2.80
C LYS A 171 -9.94 4.05 1.85
C LYS A 171 -12.49 4.83 1.29
N ASP A 172 -10.88 4.32 0.95
N ASP A 172 -11.28 4.38 0.96
CA ASP A 172 -10.68 4.05 -0.47
CA ASP A 172 -10.83 4.07 -0.41
C ASP A 172 -10.36 5.30 -1.30
C ASP A 172 -10.56 5.29 -1.31
N PHE A 173 -10.55 6.48 -0.73
CA PHE A 173 -10.34 7.75 -1.47
C PHE A 173 -11.18 7.87 -2.74
N ARG A 174 -12.37 7.25 -2.72
CA ARG A 174 -13.20 7.19 -3.92
C ARG A 174 -13.55 8.59 -4.41
N LYS A 175 -13.83 9.50 -3.47
CA LYS A 175 -14.27 10.83 -3.85
C LYS A 175 -13.10 11.68 -4.40
N SER A 176 -11.93 11.56 -3.78
CA SER A 176 -10.74 12.25 -4.26
C SER A 176 -10.33 11.79 -5.66
N LYS A 177 -10.31 10.48 -5.85
CA LYS A 177 -9.90 9.92 -7.14
C LYS A 177 -10.96 10.13 -8.20
N ALA A 178 -12.22 10.09 -7.79
CA ALA A 178 -13.30 10.40 -8.72
C ALA A 178 -13.11 11.80 -9.28
N MET A 179 -12.76 12.74 -8.40
CA MET A 179 -12.56 14.12 -8.79
C MET A 179 -11.32 14.24 -9.70
N LEU A 180 -10.26 13.51 -9.36
CA LEU A 180 -9.06 13.44 -10.18
C LEU A 180 -9.38 13.08 -11.63
N TYR A 181 -10.23 12.07 -11.81
CA TYR A 181 -10.55 11.59 -13.15
C TYR A 181 -11.66 12.39 -13.81
N ASP A 182 -12.65 12.82 -13.01
CA ASP A 182 -13.81 13.55 -13.54
C ASP A 182 -13.60 15.04 -13.68
N ASN A 183 -12.86 15.63 -12.75
CA ASN A 183 -12.69 17.08 -12.73
C ASN A 183 -11.24 17.45 -12.48
N PRO A 184 -10.34 17.05 -13.40
CA PRO A 184 -8.91 17.29 -13.18
C PRO A 184 -8.62 18.80 -13.10
N LYS A 185 -9.37 19.61 -13.84
CA LYS A 185 -9.18 21.05 -13.82
C LYS A 185 -9.31 21.61 -12.41
N ALA A 186 -10.37 21.23 -11.69
CA ALA A 186 -10.56 21.67 -10.32
C ALA A 186 -9.52 21.05 -9.38
N MET A 187 -9.27 19.76 -9.54
CA MET A 187 -8.37 19.09 -8.62
C MET A 187 -6.97 19.73 -8.69
N HIS A 188 -6.52 20.05 -9.92
CA HIS A 188 -5.26 20.76 -10.10
C HIS A 188 -5.29 22.15 -9.49
N ALA A 189 -6.40 22.86 -9.64
CA ALA A 189 -6.52 24.17 -8.99
C ALA A 189 -6.29 24.04 -7.48
N LEU A 190 -6.87 23.00 -6.88
CA LEU A 190 -6.70 22.78 -5.43
C LEU A 190 -5.25 22.46 -5.08
N LEU A 191 -4.66 21.56 -5.84
CA LEU A 191 -3.27 21.16 -5.62
C LEU A 191 -2.31 22.34 -5.76
N ASP A 192 -2.57 23.20 -6.73
CA ASP A 192 -1.73 24.35 -6.97
C ASP A 192 -1.75 25.28 -5.76
N LYS A 193 -2.95 25.55 -5.26
CA LYS A 193 -3.10 26.47 -4.14
C LYS A 193 -2.45 25.87 -2.89
N LEU A 194 -2.57 24.56 -2.74
CA LEU A 194 -1.98 23.90 -1.59
C LEU A 194 -0.46 23.87 -1.69
N ALA A 195 0.09 23.77 -2.89
CA ALA A 195 1.54 23.83 -3.02
C ALA A 195 2.07 25.21 -2.61
N GLN A 196 1.37 26.25 -3.02
CA GLN A 196 1.78 27.59 -2.65
C GLN A 196 1.73 27.71 -1.14
N SER A 197 0.69 27.15 -0.52
CA SER A 197 0.48 27.25 0.92
CA SER A 197 0.50 27.27 0.92
C SER A 197 1.54 26.47 1.69
N VAL A 198 1.80 25.25 1.25
CA VAL A 198 2.80 24.40 1.89
C VAL A 198 4.19 25.04 1.77
N THR A 199 4.47 25.65 0.62
CA THR A 199 5.76 26.32 0.43
C THR A 199 5.96 27.45 1.47
N SER A 200 4.96 28.30 1.66
CA SER A 200 5.18 29.43 2.58
C SER A 200 5.15 28.93 4.03
N TYR A 201 4.37 27.89 4.29
CA TYR A 201 4.32 27.28 5.62
C TYR A 201 5.67 26.70 6.03
N LEU A 202 6.27 25.92 5.14
CA LEU A 202 7.59 25.33 5.40
C LEU A 202 8.67 26.41 5.49
N ASN A 203 8.59 27.42 4.62
CA ASN A 203 9.54 28.53 4.70
C ASN A 203 9.39 29.32 6.00
N GLY A 204 8.16 29.48 6.47
CA GLY A 204 7.94 30.13 7.76
C GLY A 204 8.59 29.32 8.88
N GLN A 205 8.40 28.01 8.85
CA GLN A 205 9.05 27.13 9.82
C GLN A 205 10.57 27.22 9.78
N ILE A 206 11.14 27.24 8.58
CA ILE A 206 12.59 27.40 8.42
C ILE A 206 13.07 28.72 9.02
N HIS A 207 12.40 29.81 8.66
CA HIS A 207 12.76 31.11 9.18
CA HIS A 207 12.74 31.13 9.18
C HIS A 207 12.60 31.17 10.69
N ALA A 208 11.70 30.34 11.23
CA ALA A 208 11.48 30.31 12.66
C ALA A 208 12.46 29.38 13.37
N GLY A 209 13.21 28.59 12.61
CA GLY A 209 14.25 27.80 13.22
C GLY A 209 14.34 26.34 12.82
N ALA A 210 13.43 25.87 11.97
CA ALA A 210 13.55 24.49 11.48
C ALA A 210 14.85 24.35 10.68
N GLN A 211 15.54 23.23 10.88
CA GLN A 211 16.85 23.03 10.26
C GLN A 211 16.84 21.94 9.18
N ALA A 212 15.71 21.25 9.06
CA ALA A 212 15.43 20.35 7.94
C ALA A 212 13.93 20.37 7.77
N VAL A 213 13.42 19.95 6.61
CA VAL A 213 11.98 19.85 6.47
C VAL A 213 11.62 18.54 5.78
N GLN A 214 10.52 17.94 6.19
CA GLN A 214 10.07 16.71 5.57
C GLN A 214 8.67 16.92 5.04
N ILE A 215 8.46 16.51 3.79
CA ILE A 215 7.12 16.53 3.22
C ILE A 215 6.53 15.11 3.29
N PHE A 216 5.43 14.98 4.00
CA PHE A 216 4.76 13.71 4.18
C PHE A 216 3.67 13.55 3.14
N ASP A 217 3.97 12.83 2.06
CA ASP A 217 2.96 12.47 1.08
C ASP A 217 2.33 11.15 1.48
N SER A 218 1.57 11.16 2.57
CA SER A 218 1.05 9.94 3.18
C SER A 218 0.13 9.10 2.29
N TRP A 219 -0.59 9.76 1.40
CA TRP A 219 -1.60 9.06 0.61
C TRP A 219 -1.24 9.04 -0.87
N GLY A 220 -0.02 9.47 -1.19
CA GLY A 220 0.45 9.51 -2.57
C GLY A 220 0.57 8.09 -3.14
N GLY A 221 0.86 7.14 -2.26
CA GLY A 221 0.99 5.75 -2.65
C GLY A 221 -0.28 5.06 -3.12
N SER A 222 -1.43 5.72 -3.03
CA SER A 222 -2.67 5.09 -3.50
C SER A 222 -2.91 5.43 -4.97
N LEU A 223 -2.11 6.34 -5.50
CA LEU A 223 -2.23 6.79 -6.90
C LEU A 223 -1.65 5.80 -7.90
N SER A 224 -2.17 5.78 -9.12
CA SER A 224 -1.49 5.06 -10.18
C SER A 224 -0.15 5.71 -10.46
N ALA A 225 0.75 4.96 -11.07
CA ALA A 225 2.07 5.46 -11.43
C ALA A 225 1.92 6.74 -12.24
N ALA A 226 1.02 6.73 -13.21
CA ALA A 226 0.80 7.91 -14.03
C ALA A 226 0.19 9.07 -13.23
N ALA A 227 -0.79 8.78 -12.38
CA ALA A 227 -1.46 9.84 -11.65
C ALA A 227 -0.51 10.47 -10.62
N TYR A 228 0.35 9.63 -10.05
CA TYR A 228 1.31 10.13 -9.08
C TYR A 228 2.18 11.26 -9.66
N GLN A 229 2.61 11.09 -10.90
CA GLN A 229 3.48 12.09 -11.55
C GLN A 229 2.77 13.43 -11.68
N GLU A 230 1.49 13.40 -12.08
CA GLU A 230 0.80 14.63 -12.40
CA GLU A 230 0.74 14.61 -12.42
C GLU A 230 0.09 15.25 -11.20
N PHE A 231 -0.41 14.43 -10.28
CA PHE A 231 -1.21 14.98 -9.19
C PHE A 231 -0.52 14.99 -7.82
N SER A 232 0.64 14.38 -7.70
CA SER A 232 1.36 14.51 -6.44
C SER A 232 2.79 15.02 -6.62
N LEU A 233 3.61 14.25 -7.33
CA LEU A 233 5.02 14.60 -7.40
C LEU A 233 5.26 15.96 -8.05
N ALA A 234 4.43 16.32 -9.05
CA ALA A 234 4.61 17.61 -9.71
C ALA A 234 4.44 18.76 -8.73
N TYR A 235 3.60 18.56 -7.72
CA TYR A 235 3.34 19.61 -6.74
C TYR A 235 4.37 19.62 -5.61
N MET A 236 4.91 18.46 -5.26
CA MET A 236 6.05 18.46 -4.34
C MET A 236 7.25 19.11 -5.01
N ARG A 237 7.37 18.94 -6.33
CA ARG A 237 8.44 19.61 -7.06
C ARG A 237 8.28 21.13 -6.98
N LYS A 238 7.05 21.63 -7.15
CA LYS A 238 6.79 23.06 -7.00
C LYS A 238 7.28 23.57 -5.66
N ILE A 239 6.98 22.81 -4.62
CA ILE A 239 7.36 23.21 -3.28
C ILE A 239 8.88 23.28 -3.15
N VAL A 240 9.54 22.20 -3.52
CA VAL A 240 10.99 22.13 -3.38
C VAL A 240 11.69 23.29 -4.06
N ASP A 241 11.22 23.67 -5.25
CA ASP A 241 11.82 24.79 -5.96
C ASP A 241 11.60 26.11 -5.24
N GLY A 242 10.60 26.19 -4.38
CA GLY A 242 10.29 27.43 -3.70
C GLY A 242 10.80 27.53 -2.26
N LEU A 243 11.46 26.47 -1.79
CA LEU A 243 11.94 26.44 -0.41
C LEU A 243 13.22 27.22 -0.21
N ILE A 244 13.30 27.85 0.96
CA ILE A 244 14.56 28.39 1.45
C ILE A 244 15.59 27.28 1.55
N ARG A 245 16.71 27.44 0.87
CA ARG A 245 17.69 26.36 0.76
C ARG A 245 18.76 26.45 1.84
N GLU A 246 19.01 27.65 2.36
CA GLU A 246 19.97 27.88 3.42
C GLU A 246 19.42 28.84 4.46
N HIS A 247 19.71 28.56 5.73
CA HIS A 247 19.28 29.39 6.84
C HIS A 247 20.22 29.17 8.03
N ASP A 248 20.48 30.24 8.78
CA ASP A 248 21.38 30.16 9.92
C ASP A 248 22.74 29.54 9.54
N GLY A 249 23.23 29.87 8.34
CA GLY A 249 24.53 29.45 7.89
C GLY A 249 24.67 27.98 7.47
N ARG A 250 23.55 27.28 7.36
CA ARG A 250 23.54 25.87 7.00
CA ARG A 250 23.57 25.87 6.98
C ARG A 250 22.61 25.59 5.83
N ARG A 251 22.93 24.57 5.05
CA ARG A 251 21.97 24.01 4.11
CA ARG A 251 21.96 24.03 4.11
C ARG A 251 20.80 23.44 4.90
N VAL A 252 19.59 23.62 4.40
CA VAL A 252 18.41 23.05 5.04
C VAL A 252 17.92 21.86 4.18
N PRO A 253 18.25 20.62 4.60
CA PRO A 253 17.94 19.45 3.77
C PRO A 253 16.46 19.23 3.69
N VAL A 254 16.01 18.73 2.54
CA VAL A 254 14.61 18.44 2.29
C VAL A 254 14.42 16.94 2.14
N ILE A 255 13.45 16.38 2.85
CA ILE A 255 13.14 14.97 2.73
C ILE A 255 11.74 14.83 2.13
N LEU A 256 11.64 14.10 1.02
CA LEU A 256 10.35 13.76 0.42
C LEU A 256 9.99 12.34 0.78
N PHE A 257 8.79 12.15 1.33
CA PHE A 257 8.38 10.81 1.72
C PHE A 257 7.00 10.47 1.20
N THR A 258 6.96 9.64 0.16
CA THR A 258 5.69 9.04 -0.27
C THR A 258 5.62 7.61 0.22
N LYS A 259 4.78 7.36 1.23
CA LYS A 259 4.59 6.02 1.74
C LYS A 259 4.04 5.13 0.63
N GLY A 260 4.65 3.97 0.42
CA GLY A 260 4.26 3.10 -0.68
C GLY A 260 4.72 3.61 -2.04
N GLY A 261 5.68 4.51 -2.06
CA GLY A 261 6.16 5.09 -3.32
C GLY A 261 7.43 4.50 -3.90
N GLY A 262 7.86 3.37 -3.34
CA GLY A 262 9.10 2.72 -3.75
C GLY A 262 9.27 2.44 -5.24
N LEU A 263 8.18 2.18 -5.96
CA LEU A 263 8.28 2.01 -7.41
C LEU A 263 8.74 3.27 -8.13
N TRP A 264 8.60 4.42 -7.48
CA TRP A 264 8.73 5.70 -8.17
C TRP A 264 9.99 6.50 -7.77
N LEU A 265 10.92 5.84 -7.11
CA LEU A 265 12.09 6.54 -6.54
C LEU A 265 12.88 7.32 -7.59
N GLU A 266 13.06 6.73 -8.78
CA GLU A 266 13.85 7.38 -9.84
C GLU A 266 13.34 8.79 -10.13
N SER A 267 12.04 8.94 -10.33
CA SER A 267 11.48 10.26 -10.61
C SER A 267 11.55 11.16 -9.37
N MET A 268 11.38 10.58 -8.18
CA MET A 268 11.42 11.37 -6.95
C MET A 268 12.82 11.96 -6.77
N ALA A 269 13.82 11.18 -7.17
CA ALA A 269 15.21 11.58 -7.03
C ALA A 269 15.61 12.70 -7.99
N GLU A 270 14.78 12.98 -9.01
CA GLU A 270 15.11 14.01 -9.99
C GLU A 270 14.58 15.38 -9.57
N VAL A 271 13.87 15.42 -8.45
CA VAL A 271 13.23 16.65 -8.04
C VAL A 271 14.23 17.68 -7.47
N GLY A 272 15.30 17.20 -6.85
CA GLY A 272 16.27 18.12 -6.28
C GLY A 272 16.28 18.15 -4.76
N ALA A 273 15.43 17.33 -4.13
CA ALA A 273 15.45 17.22 -2.68
C ALA A 273 16.63 16.33 -2.25
N GLU A 274 17.20 16.64 -1.10
CA GLU A 274 18.36 15.93 -0.57
C GLU A 274 18.13 14.44 -0.33
N ALA A 275 16.94 14.09 0.14
CA ALA A 275 16.70 12.73 0.63
C ALA A 275 15.29 12.24 0.35
N LEU A 276 15.15 10.91 0.26
CA LEU A 276 13.83 10.29 0.09
C LEU A 276 13.57 9.35 1.26
N GLY A 277 12.34 9.34 1.74
CA GLY A 277 11.94 8.37 2.75
C GLY A 277 11.49 7.08 2.06
N LEU A 278 11.75 5.95 2.72
CA LEU A 278 11.35 4.63 2.25
C LEU A 278 10.48 3.92 3.26
N ASP A 279 9.61 3.04 2.78
CA ASP A 279 8.97 2.11 3.69
C ASP A 279 9.58 0.72 3.51
N TRP A 280 9.12 -0.24 4.32
CA TRP A 280 9.78 -1.55 4.40
C TRP A 280 9.57 -2.42 3.16
N THR A 281 8.60 -2.07 2.32
CA THR A 281 8.36 -2.88 1.13
C THR A 281 9.49 -2.72 0.13
N CYS A 282 10.26 -1.64 0.26
CA CYS A 282 11.39 -1.42 -0.64
C CYS A 282 12.70 -1.86 0.00
N ASP A 283 13.43 -2.74 -0.68
CA ASP A 283 14.75 -3.17 -0.20
C ASP A 283 15.70 -1.98 -0.25
N ILE A 284 16.27 -1.60 0.90
CA ILE A 284 17.04 -0.35 0.95
C ILE A 284 18.34 -0.46 0.17
N GLY A 285 18.88 -1.68 0.04
CA GLY A 285 20.02 -1.90 -0.81
C GLY A 285 19.70 -1.65 -2.27
N SER A 286 18.53 -2.14 -2.70
CA SER A 286 18.06 -1.89 -4.06
C SER A 286 17.84 -0.39 -4.26
N ALA A 287 17.22 0.26 -3.28
CA ALA A 287 16.98 1.70 -3.35
C ALA A 287 18.30 2.45 -3.50
N ARG A 288 19.31 2.03 -2.74
CA ARG A 288 20.59 2.71 -2.81
C ARG A 288 21.21 2.54 -4.19
N ALA A 289 21.10 1.32 -4.74
CA ALA A 289 21.58 1.10 -6.08
C ALA A 289 20.81 1.95 -7.10
N ARG A 290 19.50 2.12 -6.91
CA ARG A 290 18.70 2.83 -7.90
C ARG A 290 18.87 4.35 -7.88
N VAL A 291 18.97 4.95 -6.68
CA VAL A 291 18.96 6.41 -6.59
C VAL A 291 19.99 6.95 -5.60
N GLY A 292 20.79 6.06 -5.03
CA GLY A 292 21.72 6.45 -3.96
C GLY A 292 22.79 7.43 -4.37
N GLU A 293 23.07 7.52 -5.68
CA GLU A 293 24.02 8.51 -6.15
C GLU A 293 23.42 9.92 -6.09
N ARG A 294 22.09 10.00 -6.19
CA ARG A 294 21.39 11.29 -6.25
C ARG A 294 20.83 11.76 -4.90
N VAL A 295 20.46 10.82 -4.04
CA VAL A 295 19.80 11.21 -2.80
C VAL A 295 20.28 10.40 -1.60
N ALA A 296 20.13 10.98 -0.42
CA ALA A 296 20.25 10.23 0.81
C ALA A 296 18.94 9.46 1.00
N LEU A 297 18.96 8.45 1.85
CA LEU A 297 17.76 7.64 2.07
C LEU A 297 17.43 7.56 3.54
N GLN A 298 16.14 7.68 3.85
CA GLN A 298 15.64 7.59 5.22
C GLN A 298 14.68 6.42 5.36
N GLY A 299 14.86 5.60 6.39
CA GLY A 299 14.01 4.45 6.63
C GLY A 299 14.82 3.24 7.05
N ASN A 300 14.23 2.06 6.98
CA ASN A 300 12.90 1.85 6.43
C ASN A 300 12.12 0.77 7.21
N MET A 301 12.42 0.59 8.48
CA MET A 301 11.96 -0.60 9.19
C MET A 301 10.45 -0.66 9.41
N ASP A 302 9.90 -1.87 9.26
CA ASP A 302 8.50 -2.15 9.55
C ASP A 302 8.23 -1.86 11.03
N PRO A 303 7.31 -0.94 11.33
CA PRO A 303 6.97 -0.61 12.71
C PRO A 303 6.52 -1.83 13.48
N SER A 304 5.94 -2.82 12.80
CA SER A 304 5.46 -4.02 13.48
C SER A 304 6.58 -4.83 14.14
N VAL A 305 7.81 -4.64 13.66
CA VAL A 305 8.95 -5.33 14.25
C VAL A 305 9.12 -4.92 15.73
N LEU A 306 8.74 -3.69 16.06
CA LEU A 306 8.86 -3.20 17.44
C LEU A 306 7.93 -3.91 18.42
N TYR A 307 7.01 -4.75 17.93
CA TYR A 307 6.22 -5.58 18.82
C TYR A 307 6.93 -6.87 19.16
N ALA A 308 8.01 -7.16 18.42
CA ALA A 308 8.74 -8.41 18.63
C ALA A 308 9.73 -8.23 19.77
N ASN A 309 10.37 -9.31 20.20
CA ASN A 309 11.31 -9.22 21.31
C ASN A 309 12.55 -8.44 20.88
N PRO A 310 13.29 -7.86 21.84
CA PRO A 310 14.46 -7.04 21.51
C PRO A 310 15.51 -7.75 20.65
N ALA A 311 15.63 -9.07 20.77
CA ALA A 311 16.61 -9.79 19.97
C ALA A 311 16.21 -9.75 18.49
N ALA A 312 14.91 -9.87 18.23
CA ALA A 312 14.39 -9.77 16.87
C ALA A 312 14.53 -8.36 16.32
N ILE A 313 14.34 -7.37 17.18
CA ILE A 313 14.47 -5.97 16.76
C ILE A 313 15.91 -5.69 16.33
N ARG A 314 16.87 -6.15 17.13
CA ARG A 314 18.28 -6.01 16.80
C ARG A 314 18.64 -6.72 15.50
N ALA A 315 18.12 -7.93 15.31
CA ALA A 315 18.42 -8.68 14.08
C ALA A 315 17.87 -7.97 12.85
N GLU A 316 16.72 -7.31 12.99
CA GLU A 316 16.15 -6.63 11.83
C GLU A 316 16.90 -5.33 11.53
N VAL A 317 17.27 -4.60 12.58
CA VAL A 317 18.17 -3.47 12.41
C VAL A 317 19.45 -3.91 11.71
N ALA A 318 20.03 -5.03 12.16
CA ALA A 318 21.26 -5.52 11.57
C ALA A 318 21.08 -5.81 10.07
N ARG A 319 19.95 -6.42 9.71
CA ARG A 319 19.67 -6.79 8.33
C ARG A 319 19.60 -5.54 7.45
N ILE A 320 18.90 -4.54 7.94
CA ILE A 320 18.70 -3.31 7.18
C ILE A 320 20.02 -2.55 7.02
N LEU A 321 20.81 -2.51 8.08
CA LEU A 321 22.13 -1.89 7.98
C LEU A 321 23.04 -2.60 6.97
N ALA A 322 22.99 -3.93 6.97
CA ALA A 322 23.79 -4.72 6.05
C ALA A 322 23.32 -4.48 4.61
N ALA A 323 22.02 -4.30 4.43
CA ALA A 323 21.47 -4.08 3.09
C ALA A 323 21.86 -2.70 2.54
N TYR A 324 21.87 -1.67 3.38
CA TYR A 324 22.33 -0.36 2.92
C TYR A 324 23.83 -0.41 2.65
N GLY A 325 24.59 -0.99 3.58
CA GLY A 325 26.00 -1.20 3.35
C GLY A 325 26.83 -0.07 3.91
N LYS A 326 28.03 0.11 3.38
CA LYS A 326 29.02 1.02 3.96
C LYS A 326 28.87 2.45 3.48
N GLY A 327 29.14 3.39 4.37
CA GLY A 327 29.20 4.80 4.01
C GLY A 327 27.97 5.62 4.39
N THR A 328 28.16 6.93 4.38
CA THR A 328 27.12 7.90 4.70
C THR A 328 25.94 7.84 3.71
N GLY A 329 24.90 8.63 3.98
CA GLY A 329 23.77 8.74 3.07
C GLY A 329 22.53 8.00 3.53
N HIS A 330 22.56 7.50 4.76
CA HIS A 330 21.42 6.80 5.35
C HIS A 330 21.03 7.41 6.69
N VAL A 331 19.74 7.73 6.84
CA VAL A 331 19.21 8.05 8.16
C VAL A 331 18.23 6.95 8.51
N PHE A 332 18.48 6.27 9.62
CA PHE A 332 17.59 5.18 10.00
C PHE A 332 16.28 5.73 10.56
N ASN A 333 15.17 5.14 10.16
CA ASN A 333 13.85 5.47 10.67
C ASN A 333 12.96 4.25 10.48
N LEU A 334 11.71 4.35 10.93
CA LEU A 334 10.73 3.34 10.55
C LEU A 334 10.18 3.71 9.18
N GLY A 335 9.43 2.80 8.54
CA GLY A 335 8.75 3.13 7.31
C GLY A 335 7.41 3.80 7.53
N HIS A 336 7.03 3.93 8.80
CA HIS A 336 5.71 4.43 9.20
C HIS A 336 5.87 4.91 10.64
N GLY A 337 4.82 5.50 11.20
CA GLY A 337 4.90 5.95 12.58
C GLY A 337 4.76 4.81 13.56
N ILE A 338 5.41 4.94 14.72
CA ILE A 338 5.21 3.99 15.81
C ILE A 338 3.73 4.03 16.24
N THR A 339 3.22 2.90 16.73
CA THR A 339 1.82 2.83 17.19
C THR A 339 1.78 2.85 18.75
N PRO A 340 0.63 3.22 19.34
CA PRO A 340 0.57 3.49 20.78
C PRO A 340 0.89 2.29 21.70
N GLU A 341 0.80 1.08 21.19
CA GLU A 341 0.92 -0.10 22.04
C GLU A 341 2.34 -0.68 22.10
N VAL A 342 3.26 -0.05 21.37
CA VAL A 342 4.68 -0.46 21.45
C VAL A 342 5.28 -0.10 22.82
N ASP A 343 5.90 -1.07 23.49
CA ASP A 343 6.53 -0.80 24.79
C ASP A 343 7.68 0.17 24.62
N PRO A 344 7.78 1.20 25.48
CA PRO A 344 8.91 2.14 25.34
C PRO A 344 10.28 1.43 25.32
N ALA A 345 10.43 0.34 26.06
CA ALA A 345 11.71 -0.36 26.07
C ALA A 345 12.04 -0.98 24.70
N HIS A 346 11.03 -1.35 23.93
CA HIS A 346 11.26 -1.88 22.60
C HIS A 346 11.75 -0.79 21.66
N ALA A 347 11.18 0.40 21.77
CA ALA A 347 11.67 1.52 20.96
C ALA A 347 13.13 1.83 21.34
N GLY A 348 13.42 1.73 22.63
CA GLY A 348 14.77 1.95 23.12
C GLY A 348 15.78 0.97 22.56
N ALA A 349 15.42 -0.31 22.52
CA ALA A 349 16.29 -1.34 21.96
C ALA A 349 16.62 -1.03 20.50
N PHE A 350 15.61 -0.52 19.79
CA PHE A 350 15.71 -0.14 18.38
C PHE A 350 16.78 0.93 18.21
N PHE A 351 16.65 2.04 18.94
CA PHE A 351 17.59 3.14 18.78
C PHE A 351 19.00 2.73 19.19
N GLU A 352 19.10 1.92 20.24
CA GLU A 352 20.40 1.48 20.70
C GLU A 352 21.04 0.56 19.66
N ALA A 353 20.24 -0.28 19.02
CA ALA A 353 20.79 -1.19 18.01
C ALA A 353 21.34 -0.42 16.82
N VAL A 354 20.63 0.62 16.39
CA VAL A 354 21.10 1.42 15.26
C VAL A 354 22.48 2.04 15.51
N HIS A 355 22.65 2.68 16.66
CA HIS A 355 23.94 3.31 16.97
C HIS A 355 25.04 2.26 17.15
N GLU A 356 24.75 1.21 17.91
CA GLU A 356 25.78 0.21 18.22
C GLU A 356 26.22 -0.55 16.97
N LEU A 357 25.25 -0.96 16.16
CA LEU A 357 25.53 -1.86 15.05
C LEU A 357 25.99 -1.14 13.77
N SER A 358 25.76 0.17 13.68
CA SER A 358 26.06 0.89 12.44
C SER A 358 27.48 1.42 12.40
N ALA A 359 28.15 1.43 13.56
CA ALA A 359 29.51 1.95 13.65
C ALA A 359 30.45 1.29 12.64
N GLN A 360 30.31 -0.02 12.48
CA GLN A 360 31.16 -0.79 11.59
C GLN A 360 30.98 -0.44 10.10
N TYR A 361 29.89 0.27 9.76
CA TYR A 361 29.63 0.63 8.36
C TYR A 361 30.11 2.03 8.02
N HIS A 362 30.85 2.63 8.96
CA HIS A 362 31.34 3.99 8.79
C HIS A 362 32.82 4.05 9.10
N GLY A 363 33.53 4.95 8.42
CA GLY A 363 34.95 5.12 8.64
C GLY A 363 35.77 4.45 7.56
N ALA B 11 -14.17 -27.87 -25.23
CA ALA B 11 -14.67 -27.31 -26.48
C ALA B 11 -14.79 -25.78 -26.39
N LEU B 12 -13.68 -25.09 -26.12
CA LEU B 12 -13.69 -23.65 -25.92
C LEU B 12 -13.98 -22.85 -27.19
N LYS B 13 -14.96 -21.95 -27.13
CA LYS B 13 -15.35 -21.14 -28.29
C LYS B 13 -14.58 -19.83 -28.35
N ASN B 14 -14.36 -19.24 -27.19
CA ASN B 14 -13.57 -18.04 -27.06
C ASN B 14 -12.44 -18.39 -26.10
N ASP B 15 -11.20 -18.29 -26.56
CA ASP B 15 -10.08 -18.61 -25.67
C ASP B 15 -8.96 -17.57 -25.69
N ARG B 16 -9.27 -16.33 -26.09
CA ARG B 16 -8.23 -15.32 -26.22
C ARG B 16 -7.56 -15.08 -24.88
N PHE B 17 -8.31 -15.24 -23.78
CA PHE B 17 -7.73 -15.09 -22.44
C PHE B 17 -6.56 -16.05 -22.22
N LEU B 18 -6.74 -17.31 -22.58
CA LEU B 18 -5.68 -18.29 -22.45
C LEU B 18 -4.52 -17.98 -23.42
N ARG B 19 -4.87 -17.60 -24.65
CA ARG B 19 -3.87 -17.29 -25.66
CA ARG B 19 -3.87 -17.27 -25.67
C ARG B 19 -2.95 -16.13 -25.22
N ALA B 20 -3.54 -15.06 -24.68
CA ALA B 20 -2.75 -13.92 -24.20
C ALA B 20 -1.80 -14.35 -23.08
N LEU B 21 -2.30 -15.17 -22.16
CA LEU B 21 -1.47 -15.64 -21.04
C LEU B 21 -0.30 -16.48 -21.51
N LEU B 22 -0.49 -17.20 -22.62
CA LEU B 22 0.55 -18.03 -23.19
C LEU B 22 1.29 -17.37 -24.35
N LYS B 23 1.18 -16.05 -24.46
CA LYS B 23 1.90 -15.30 -25.49
C LYS B 23 1.57 -15.77 -26.92
N GLN B 24 0.32 -16.18 -27.15
CA GLN B 24 -0.10 -16.51 -28.51
C GLN B 24 -0.76 -15.28 -29.13
N PRO B 25 -0.72 -15.15 -30.46
CA PRO B 25 -1.38 -14.00 -31.09
C PRO B 25 -2.88 -13.95 -30.77
N VAL B 26 -3.41 -12.74 -30.57
CA VAL B 26 -4.82 -12.54 -30.31
C VAL B 26 -5.30 -11.36 -31.14
N ASP B 27 -6.61 -11.27 -31.35
CA ASP B 27 -7.18 -10.18 -32.13
C ASP B 27 -7.36 -8.90 -31.31
N VAL B 28 -7.73 -9.08 -30.05
CA VAL B 28 -7.90 -7.95 -29.15
C VAL B 28 -7.34 -8.35 -27.79
N THR B 29 -7.04 -7.36 -26.95
CA THR B 29 -6.61 -7.67 -25.59
C THR B 29 -7.78 -8.22 -24.77
N PRO B 30 -7.60 -9.40 -24.16
CA PRO B 30 -8.70 -9.98 -23.38
C PRO B 30 -8.96 -9.16 -22.13
N VAL B 31 -10.17 -9.22 -21.60
CA VAL B 31 -10.47 -8.54 -20.33
C VAL B 31 -11.32 -9.43 -19.43
N TRP B 32 -11.02 -9.43 -18.15
CA TRP B 32 -12.00 -9.86 -17.16
C TRP B 32 -11.79 -8.99 -15.93
N MET B 33 -12.62 -9.18 -14.91
CA MET B 33 -12.60 -8.26 -13.78
C MET B 33 -12.70 -8.98 -12.45
N MET B 34 -11.76 -8.73 -11.54
CA MET B 34 -11.83 -9.33 -10.21
C MET B 34 -13.13 -8.89 -9.55
N ARG B 35 -13.79 -9.85 -8.90
CA ARG B 35 -15.10 -9.66 -8.29
C ARG B 35 -16.17 -9.25 -9.31
N GLN B 36 -16.07 -9.74 -10.55
CA GLN B 36 -17.10 -9.46 -11.55
C GLN B 36 -18.47 -10.04 -11.15
N ALA B 37 -18.45 -11.10 -10.35
CA ALA B 37 -19.65 -11.51 -9.61
C ALA B 37 -19.64 -10.86 -8.22
N GLY B 38 -20.49 -9.86 -8.04
CA GLY B 38 -20.48 -9.13 -6.79
C GLY B 38 -21.64 -8.17 -6.69
N ARG B 39 -21.68 -7.43 -5.59
CA ARG B 39 -22.87 -6.68 -5.21
C ARG B 39 -23.19 -5.49 -6.10
N TYR B 40 -22.24 -5.07 -6.93
CA TYR B 40 -22.55 -4.00 -7.89
C TYR B 40 -23.62 -4.48 -8.89
N LEU B 41 -23.80 -5.81 -9.01
CA LEU B 41 -24.83 -6.38 -9.89
C LEU B 41 -26.11 -6.68 -9.11
N PRO B 42 -27.23 -6.08 -9.53
CA PRO B 42 -28.50 -6.34 -8.86
C PRO B 42 -28.89 -7.83 -8.93
N GLU B 43 -28.55 -8.52 -10.02
CA GLU B 43 -28.89 -9.93 -10.12
C GLU B 43 -28.06 -10.75 -9.11
N TYR B 44 -26.84 -10.30 -8.78
CA TYR B 44 -26.07 -10.94 -7.71
C TYR B 44 -26.78 -10.75 -6.36
N ARG B 45 -27.18 -9.52 -6.08
CA ARG B 45 -27.86 -9.22 -4.82
C ARG B 45 -29.11 -10.07 -4.68
N ALA B 46 -29.82 -10.32 -5.79
CA ALA B 46 -31.01 -11.17 -5.78
C ALA B 46 -30.65 -12.61 -5.39
N THR B 47 -29.64 -13.16 -6.07
CA THR B 47 -29.21 -14.52 -5.79
C THR B 47 -28.67 -14.65 -4.36
N ARG B 48 -27.96 -13.63 -3.89
CA ARG B 48 -27.42 -13.65 -2.54
CA ARG B 48 -27.42 -13.62 -2.52
C ARG B 48 -28.55 -13.65 -1.50
N ALA B 49 -29.59 -12.87 -1.77
CA ALA B 49 -30.74 -12.83 -0.88
C ALA B 49 -31.51 -14.16 -0.96
N LYS B 50 -31.50 -14.76 -2.14
CA LYS B 50 -32.17 -16.05 -2.36
C LYS B 50 -31.45 -17.15 -1.57
N ALA B 51 -30.13 -17.06 -1.54
CA ALA B 51 -29.31 -18.01 -0.78
C ALA B 51 -29.54 -17.86 0.72
N GLY B 52 -29.70 -16.62 1.18
CA GLY B 52 -30.03 -16.35 2.56
C GLY B 52 -28.87 -15.76 3.33
N ASP B 53 -27.67 -16.25 3.01
CA ASP B 53 -26.43 -15.73 3.59
C ASP B 53 -25.28 -16.07 2.67
N PHE B 54 -24.11 -15.48 2.94
CA PHE B 54 -22.99 -15.61 2.03
C PHE B 54 -22.41 -17.04 1.97
N MET B 55 -22.39 -17.74 3.10
CA MET B 55 -21.88 -19.10 3.14
CA MET B 55 -21.85 -19.09 3.12
C MET B 55 -22.75 -20.05 2.34
N SER B 56 -24.06 -19.85 2.41
CA SER B 56 -24.99 -20.68 1.66
C SER B 56 -24.76 -20.54 0.16
N LEU B 57 -24.54 -19.31 -0.28
CA LEU B 57 -24.21 -19.03 -1.67
C LEU B 57 -22.94 -19.78 -2.09
N CYS B 58 -21.92 -19.76 -1.24
CA CYS B 58 -20.67 -20.43 -1.54
C CYS B 58 -20.77 -21.95 -1.57
N MET B 59 -21.58 -22.51 -0.69
CA MET B 59 -21.61 -23.95 -0.48
CA MET B 59 -21.59 -23.95 -0.51
C MET B 59 -22.65 -24.64 -1.35
N ASN B 60 -23.46 -23.85 -2.03
CA ASN B 60 -24.44 -24.41 -2.96
C ASN B 60 -23.91 -24.28 -4.39
N PRO B 61 -23.49 -25.40 -4.98
CA PRO B 61 -22.85 -25.35 -6.30
C PRO B 61 -23.74 -24.73 -7.37
N GLU B 62 -25.05 -24.95 -7.27
CA GLU B 62 -25.98 -24.38 -8.23
C GLU B 62 -26.00 -22.85 -8.13
N LEU B 63 -25.93 -22.33 -6.90
CA LEU B 63 -25.95 -20.89 -6.68
C LEU B 63 -24.61 -20.27 -7.01
N ALA B 64 -23.53 -20.97 -6.68
CA ALA B 64 -22.19 -20.48 -6.98
C ALA B 64 -22.04 -20.34 -8.49
N CYS B 65 -22.56 -21.35 -9.21
CA CYS B 65 -22.57 -21.31 -10.66
C CYS B 65 -23.40 -20.13 -11.18
N GLU B 66 -24.60 -19.97 -10.63
CA GLU B 66 -25.50 -18.91 -11.04
C GLU B 66 -24.79 -17.55 -11.00
N VAL B 67 -24.16 -17.21 -9.88
CA VAL B 67 -23.54 -15.90 -9.80
C VAL B 67 -22.30 -15.83 -10.69
N THR B 68 -21.61 -16.96 -10.88
CA THR B 68 -20.43 -16.98 -11.74
C THR B 68 -20.79 -16.64 -13.19
N LEU B 69 -21.95 -17.12 -13.64
CA LEU B 69 -22.38 -16.88 -15.02
C LEU B 69 -22.94 -15.49 -15.24
N GLN B 70 -23.40 -14.85 -14.17
CA GLN B 70 -24.15 -13.60 -14.31
C GLN B 70 -23.40 -12.48 -15.04
N PRO B 71 -22.14 -12.18 -14.64
CA PRO B 71 -21.45 -11.13 -15.41
C PRO B 71 -21.21 -11.49 -16.89
N LEU B 72 -21.00 -12.77 -17.19
CA LEU B 72 -20.82 -13.21 -18.57
C LEU B 72 -22.05 -12.98 -19.44
N ASP B 73 -23.21 -13.22 -18.86
CA ASP B 73 -24.46 -13.00 -19.57
C ASP B 73 -24.78 -11.51 -19.70
N ARG B 74 -24.38 -10.72 -18.71
CA ARG B 74 -24.61 -9.28 -18.79
C ARG B 74 -23.64 -8.62 -19.76
N TYR B 75 -22.39 -9.08 -19.75
CA TYR B 75 -21.28 -8.46 -20.46
C TYR B 75 -20.64 -9.44 -21.43
N PRO B 76 -21.10 -9.46 -22.70
CA PRO B 76 -20.51 -10.40 -23.66
C PRO B 76 -19.03 -10.14 -23.91
N GLN B 77 -18.54 -8.96 -23.56
CA GLN B 77 -17.13 -8.62 -23.77
C GLN B 77 -16.20 -9.38 -22.83
N LEU B 78 -16.71 -9.87 -21.70
CA LEU B 78 -15.84 -10.54 -20.73
C LEU B 78 -15.27 -11.82 -21.35
N ASP B 79 -13.98 -12.06 -21.14
CA ASP B 79 -13.29 -13.16 -21.81
C ASP B 79 -12.94 -14.32 -20.89
N ALA B 80 -13.39 -14.26 -19.64
CA ALA B 80 -13.11 -15.34 -18.68
C ALA B 80 -14.14 -15.36 -17.57
N ALA B 81 -14.36 -16.53 -17.01
CA ALA B 81 -15.17 -16.66 -15.80
C ALA B 81 -14.23 -16.95 -14.66
N ILE B 82 -14.55 -16.48 -13.47
CA ILE B 82 -13.78 -16.89 -12.29
C ILE B 82 -14.71 -17.59 -11.31
N LEU B 83 -14.27 -18.74 -10.82
CA LEU B 83 -15.00 -19.48 -9.81
C LEU B 83 -15.46 -18.58 -8.70
N PHE B 84 -16.75 -18.61 -8.39
CA PHE B 84 -17.22 -17.89 -7.22
C PHE B 84 -17.03 -18.75 -5.98
N SER B 85 -16.24 -18.25 -5.04
CA SER B 85 -16.03 -18.95 -3.78
CA SER B 85 -16.07 -18.93 -3.76
C SER B 85 -15.40 -18.00 -2.77
N ASP B 86 -15.04 -18.53 -1.62
CA ASP B 86 -14.43 -17.72 -0.60
C ASP B 86 -12.97 -18.13 -0.49
N ILE B 87 -12.11 -17.14 -0.29
CA ILE B 87 -10.69 -17.37 -0.14
C ILE B 87 -10.44 -18.24 1.11
N LEU B 88 -11.37 -18.18 2.06
CA LEU B 88 -11.20 -18.81 3.36
C LEU B 88 -11.80 -20.21 3.46
N THR B 89 -12.10 -20.84 2.33
CA THR B 89 -12.61 -22.21 2.34
C THR B 89 -11.66 -23.15 3.08
N ILE B 90 -10.38 -23.05 2.76
CA ILE B 90 -9.39 -23.97 3.32
C ILE B 90 -9.24 -23.87 4.84
N PRO B 91 -9.06 -22.66 5.40
CA PRO B 91 -9.03 -22.59 6.87
C PRO B 91 -10.33 -23.06 7.53
N ASP B 92 -11.46 -22.74 6.91
CA ASP B 92 -12.74 -23.24 7.36
C ASP B 92 -12.73 -24.77 7.39
N ALA B 93 -12.26 -25.37 6.29
CA ALA B 93 -12.21 -26.81 6.15
C ALA B 93 -11.28 -27.45 7.17
N MET B 94 -10.26 -26.71 7.59
CA MET B 94 -9.30 -27.22 8.57
C MET B 94 -9.94 -27.33 9.95
N GLY B 95 -11.19 -26.90 10.06
CA GLY B 95 -11.95 -26.99 11.29
C GLY B 95 -11.85 -25.74 12.15
N GLN B 96 -11.48 -24.63 11.54
CA GLN B 96 -11.27 -23.39 12.28
C GLN B 96 -12.56 -22.60 12.49
N GLY B 97 -13.64 -23.09 11.88
CA GLY B 97 -14.96 -22.52 12.09
C GLY B 97 -15.13 -21.10 11.57
N LEU B 98 -15.14 -20.95 10.26
CA LEU B 98 -15.35 -19.67 9.60
C LEU B 98 -16.81 -19.20 9.71
N TYR B 99 -17.01 -17.95 10.11
CA TYR B 99 -18.36 -17.37 10.19
C TYR B 99 -18.38 -15.87 9.88
N PRO B 106 -16.21 -11.61 8.97
CA PRO B 106 -15.14 -12.56 8.64
C PRO B 106 -14.25 -12.87 9.85
N ARG B 107 -14.56 -13.95 10.55
CA ARG B 107 -13.78 -14.35 11.72
C ARG B 107 -13.73 -15.87 11.87
N PHE B 108 -12.85 -16.34 12.75
CA PHE B 108 -12.73 -17.77 13.02
C PHE B 108 -12.97 -18.06 14.50
N ARG B 109 -13.74 -19.12 14.77
CA ARG B 109 -13.97 -19.55 16.15
C ARG B 109 -12.68 -20.03 16.80
N LYS B 110 -11.86 -20.76 16.03
CA LYS B 110 -10.56 -21.22 16.51
C LYS B 110 -9.44 -20.42 15.87
N VAL B 111 -8.50 -19.96 16.68
CA VAL B 111 -7.42 -19.10 16.20
C VAL B 111 -6.06 -19.73 16.47
N VAL B 112 -5.20 -19.71 15.45
CA VAL B 112 -3.83 -20.22 15.55
C VAL B 112 -2.94 -19.29 16.39
N SER B 113 -2.21 -19.85 17.34
CA SER B 113 -1.34 -19.02 18.18
C SER B 113 -0.13 -19.78 18.72
N SER B 114 -0.19 -21.11 18.73
CA SER B 114 0.95 -21.92 19.19
C SER B 114 1.37 -22.90 18.10
N LEU B 115 2.58 -23.44 18.25
CA LEU B 115 3.07 -24.45 17.32
C LEU B 115 2.18 -25.68 17.40
N ALA B 116 1.71 -25.99 18.61
CA ALA B 116 0.82 -27.12 18.85
C ALA B 116 -0.47 -27.01 18.02
N ASP B 117 -1.01 -25.80 17.90
CA ASP B 117 -2.19 -25.55 17.08
C ASP B 117 -1.98 -25.99 15.63
N ILE B 118 -0.85 -25.55 15.07
CA ILE B 118 -0.51 -25.79 13.67
C ILE B 118 -0.32 -27.27 13.35
N GLU B 119 0.40 -27.98 14.21
CA GLU B 119 0.68 -29.39 14.03
C GLU B 119 -0.60 -30.22 13.96
N ALA B 120 -1.64 -29.76 14.66
CA ALA B 120 -2.91 -30.47 14.73
C ALA B 120 -3.76 -30.24 13.49
N LEU B 121 -3.49 -29.16 12.77
CA LEU B 121 -4.24 -28.82 11.56
C LEU B 121 -4.14 -29.95 10.54
N PRO B 122 -5.29 -30.40 10.04
CA PRO B 122 -5.32 -31.40 8.97
C PRO B 122 -5.13 -30.72 7.61
N VAL B 123 -4.57 -31.43 6.64
CA VAL B 123 -4.56 -30.93 5.28
C VAL B 123 -5.82 -31.42 4.59
N PRO B 124 -6.74 -30.49 4.29
CA PRO B 124 -8.07 -30.86 3.76
C PRO B 124 -7.97 -31.67 2.48
N ASP B 125 -8.79 -32.72 2.36
CA ASP B 125 -8.91 -33.42 1.09
C ASP B 125 -9.88 -32.67 0.21
N PRO B 126 -9.44 -32.31 -1.01
CA PRO B 126 -10.24 -31.49 -1.94
C PRO B 126 -11.64 -32.04 -2.17
N GLU B 127 -11.77 -33.33 -2.47
CA GLU B 127 -13.09 -33.88 -2.77
C GLU B 127 -13.86 -34.31 -1.53
N GLN B 128 -13.15 -34.77 -0.50
CA GLN B 128 -13.81 -35.22 0.72
C GLN B 128 -14.16 -34.07 1.69
N ASP B 129 -13.34 -33.01 1.70
CA ASP B 129 -13.51 -31.92 2.65
C ASP B 129 -13.94 -30.60 1.99
N LEU B 130 -13.67 -30.47 0.70
CA LEU B 130 -14.04 -29.26 -0.03
C LEU B 130 -14.83 -29.59 -1.29
N GLY B 131 -15.62 -30.66 -1.20
CA GLY B 131 -16.38 -31.17 -2.33
C GLY B 131 -17.28 -30.15 -2.98
N TYR B 132 -17.80 -29.22 -2.19
CA TYR B 132 -18.75 -28.24 -2.72
C TYR B 132 -18.04 -27.29 -3.68
N VAL B 133 -16.76 -27.03 -3.42
CA VAL B 133 -15.98 -26.23 -4.35
C VAL B 133 -15.78 -27.01 -5.65
N MET B 134 -15.34 -28.26 -5.52
CA MET B 134 -15.15 -29.14 -6.68
C MET B 134 -16.45 -29.30 -7.47
N ASP B 135 -17.59 -29.41 -6.78
CA ASP B 135 -18.89 -29.50 -7.44
C ASP B 135 -19.22 -28.21 -8.19
N ALA B 136 -18.88 -27.07 -7.59
CA ALA B 136 -19.13 -25.79 -8.21
C ALA B 136 -18.35 -25.69 -9.51
N VAL B 137 -17.07 -26.08 -9.45
CA VAL B 137 -16.23 -26.08 -10.64
C VAL B 137 -16.81 -26.95 -11.77
N ARG B 138 -17.19 -28.18 -11.46
CA ARG B 138 -17.75 -29.08 -12.47
C ARG B 138 -19.03 -28.50 -13.05
N THR B 139 -19.87 -27.95 -12.18
CA THR B 139 -21.15 -27.37 -12.59
C THR B 139 -20.93 -26.17 -13.52
N ILE B 140 -20.06 -25.27 -13.10
CA ILE B 140 -19.73 -24.09 -13.88
C ILE B 140 -19.14 -24.46 -15.24
N ARG B 141 -18.13 -25.32 -15.23
CA ARG B 141 -17.48 -25.78 -16.45
C ARG B 141 -18.49 -26.37 -17.44
N ARG B 142 -19.44 -27.15 -16.93
CA ARG B 142 -20.50 -27.69 -17.79
C ARG B 142 -21.38 -26.58 -18.33
N GLU B 143 -21.86 -25.71 -17.44
CA GLU B 143 -22.85 -24.69 -17.82
C GLU B 143 -22.26 -23.62 -18.75
N LEU B 144 -20.96 -23.37 -18.60
CA LEU B 144 -20.27 -22.45 -19.49
C LEU B 144 -20.38 -22.91 -20.92
N ASN B 145 -20.41 -24.23 -21.12
CA ASN B 145 -20.51 -24.80 -22.46
C ASN B 145 -19.44 -24.24 -23.40
N GLY B 146 -18.25 -24.00 -22.84
CA GLY B 146 -17.12 -23.55 -23.63
C GLY B 146 -17.12 -22.09 -24.05
N ARG B 147 -18.04 -21.28 -23.51
CA ARG B 147 -18.17 -19.89 -23.95
C ARG B 147 -16.91 -19.07 -23.67
N VAL B 148 -16.32 -19.28 -22.48
CA VAL B 148 -15.08 -18.62 -22.07
C VAL B 148 -14.32 -19.56 -21.12
N PRO B 149 -13.00 -19.38 -20.98
CA PRO B 149 -12.28 -20.22 -20.01
C PRO B 149 -12.72 -19.99 -18.58
N LEU B 150 -12.52 -21.00 -17.74
CA LEU B 150 -12.86 -20.91 -16.33
C LEU B 150 -11.58 -20.79 -15.49
N ILE B 151 -11.52 -19.77 -14.66
CA ILE B 151 -10.40 -19.55 -13.75
C ILE B 151 -10.70 -20.12 -12.36
N GLY B 152 -9.86 -21.03 -11.86
CA GLY B 152 -9.98 -21.47 -10.49
C GLY B 152 -9.06 -20.59 -9.66
N PHE B 153 -9.17 -20.64 -8.34
CA PHE B 153 -8.30 -19.78 -7.54
C PHE B 153 -8.17 -20.22 -6.10
N SER B 154 -7.20 -19.60 -5.41
CA SER B 154 -7.02 -19.80 -4.00
C SER B 154 -6.25 -18.63 -3.42
N GLY B 155 -6.37 -18.41 -2.12
CA GLY B 155 -5.49 -17.46 -1.49
C GLY B 155 -4.11 -18.07 -1.36
N SER B 156 -3.11 -17.22 -1.20
CA SER B 156 -1.75 -17.66 -0.98
C SER B 156 -1.57 -18.20 0.44
N PRO B 157 -0.51 -19.00 0.68
CA PRO B 157 -0.21 -19.43 2.04
C PRO B 157 -0.02 -18.28 3.03
N TRP B 158 0.71 -17.23 2.64
CA TRP B 158 0.93 -16.12 3.57
C TRP B 158 -0.39 -15.45 3.91
N THR B 159 -1.19 -15.19 2.89
CA THR B 159 -2.46 -14.52 3.07
C THR B 159 -3.42 -15.35 3.94
N LEU B 160 -3.53 -16.65 3.69
CA LEU B 160 -4.39 -17.51 4.51
C LEU B 160 -3.89 -17.59 5.95
N ALA B 161 -2.57 -17.64 6.11
CA ALA B 161 -1.94 -17.73 7.43
C ALA B 161 -2.26 -16.51 8.29
N THR B 162 -2.30 -15.33 7.68
CA THR B 162 -2.58 -14.13 8.46
C THR B 162 -4.02 -14.18 8.95
N TYR B 163 -4.94 -14.63 8.09
CA TYR B 163 -6.33 -14.78 8.52
C TYR B 163 -6.46 -15.74 9.70
N MET B 164 -5.64 -16.79 9.69
CA MET B 164 -5.74 -17.81 10.73
C MET B 164 -5.08 -17.36 12.02
N VAL B 165 -4.09 -16.48 11.91
CA VAL B 165 -3.38 -16.00 13.09
C VAL B 165 -4.05 -14.77 13.66
N GLU B 166 -4.59 -13.91 12.80
CA GLU B 166 -5.34 -12.75 13.27
C GLU B 166 -6.71 -13.14 13.81
N GLY B 167 -7.21 -14.29 13.36
CA GLY B 167 -8.55 -14.71 13.73
C GLY B 167 -9.60 -14.09 12.84
N GLY B 168 -9.16 -13.52 11.72
CA GLY B 168 -10.07 -12.86 10.78
C GLY B 168 -9.47 -11.59 10.20
N SER B 169 -10.33 -10.64 9.82
CA SER B 169 -9.88 -9.36 9.27
C SER B 169 -9.09 -8.58 10.31
N SER B 170 -8.02 -7.92 9.88
CA SER B 170 -7.05 -7.34 10.80
C SER B 170 -6.87 -5.83 10.69
N LYS B 171 -6.51 -5.21 11.81
CA LYS B 171 -6.19 -3.77 11.85
C LYS B 171 -4.93 -3.49 11.03
N ASP B 172 -3.79 -4.03 11.47
CA ASP B 172 -2.52 -3.77 10.78
C ASP B 172 -1.53 -4.95 10.80
N PHE B 173 -2.04 -6.16 10.98
CA PHE B 173 -1.24 -7.38 10.95
C PHE B 173 -0.13 -7.42 12.01
N ARG B 174 -0.32 -6.73 13.13
CA ARG B 174 0.70 -6.68 14.17
C ARG B 174 1.00 -8.08 14.72
N LYS B 175 -0.06 -8.80 15.05
CA LYS B 175 0.05 -10.14 15.62
C LYS B 175 0.72 -11.11 14.64
N SER B 176 0.29 -11.08 13.40
CA SER B 176 0.87 -11.94 12.36
C SER B 176 2.35 -11.68 12.13
N LYS B 177 2.72 -10.41 12.05
CA LYS B 177 4.11 -10.07 11.82
C LYS B 177 4.96 -10.27 13.07
N ALA B 178 4.40 -9.99 14.23
CA ALA B 178 5.15 -10.21 15.46
C ALA B 178 5.50 -11.67 15.59
N MET B 179 4.54 -12.53 15.27
CA MET B 179 4.76 -13.97 15.33
C MET B 179 5.80 -14.36 14.30
N LEU B 180 5.80 -13.64 13.17
CA LEU B 180 6.78 -13.88 12.12
C LEU B 180 8.20 -13.60 12.64
N TYR B 181 8.39 -12.47 13.32
CA TYR B 181 9.71 -12.09 13.80
C TYR B 181 10.10 -12.82 15.10
N ASP B 182 9.10 -13.21 15.89
CA ASP B 182 9.35 -13.91 17.15
C ASP B 182 9.52 -15.42 16.96
N ASN B 183 8.57 -16.03 16.25
CA ASN B 183 8.64 -17.47 16.02
C ASN B 183 8.51 -17.83 14.55
N PRO B 184 9.57 -17.57 13.78
CA PRO B 184 9.53 -17.85 12.35
C PRO B 184 9.42 -19.35 12.12
N LYS B 185 9.92 -20.15 13.06
CA LYS B 185 9.85 -21.60 12.96
C LYS B 185 8.40 -22.09 12.93
N ALA B 186 7.56 -21.55 13.81
CA ALA B 186 6.15 -21.92 13.81
C ALA B 186 5.45 -21.42 12.54
N MET B 187 5.80 -20.22 12.11
CA MET B 187 5.17 -19.65 10.93
C MET B 187 5.53 -20.46 9.69
N HIS B 188 6.78 -20.94 9.63
CA HIS B 188 7.21 -21.82 8.54
C HIS B 188 6.36 -23.08 8.50
N ALA B 189 6.13 -23.66 9.68
CA ALA B 189 5.32 -24.86 9.80
C ALA B 189 3.92 -24.65 9.25
N LEU B 190 3.31 -23.53 9.62
CA LEU B 190 1.96 -23.21 9.17
C LEU B 190 1.91 -22.97 7.66
N LEU B 191 2.86 -22.16 7.19
CA LEU B 191 2.93 -21.82 5.77
C LEU B 191 3.15 -23.07 4.92
N ASP B 192 3.94 -24.02 5.45
CA ASP B 192 4.24 -25.23 4.70
C ASP B 192 2.99 -26.11 4.56
N LYS B 193 2.20 -26.19 5.63
CA LYS B 193 0.96 -26.98 5.60
C LYS B 193 -0.07 -26.31 4.68
N LEU B 194 -0.06 -24.99 4.64
CA LEU B 194 -0.97 -24.25 3.78
C LEU B 194 -0.56 -24.39 2.32
N ALA B 195 0.75 -24.39 2.06
CA ALA B 195 1.25 -24.64 0.70
C ALA B 195 0.81 -26.02 0.23
N GLN B 196 0.91 -27.00 1.11
CA GLN B 196 0.45 -28.34 0.81
C GLN B 196 -1.03 -28.32 0.48
N SER B 197 -1.80 -27.60 1.31
CA SER B 197 -3.25 -27.56 1.14
CA SER B 197 -3.25 -27.54 1.15
C SER B 197 -3.67 -26.84 -0.14
N VAL B 198 -3.03 -25.70 -0.41
CA VAL B 198 -3.36 -24.92 -1.60
C VAL B 198 -3.05 -25.71 -2.88
N THR B 199 -1.91 -26.38 -2.90
CA THR B 199 -1.53 -27.18 -4.05
C THR B 199 -2.59 -28.21 -4.40
N SER B 200 -3.08 -28.95 -3.42
CA SER B 200 -4.02 -30.02 -3.72
C SER B 200 -5.41 -29.44 -4.03
N TYR B 201 -5.71 -28.30 -3.41
CA TYR B 201 -6.96 -27.58 -3.63
C TYR B 201 -7.07 -27.11 -5.08
N LEU B 202 -6.01 -26.45 -5.55
CA LEU B 202 -5.97 -26.00 -6.93
C LEU B 202 -5.96 -27.20 -7.90
N ASN B 203 -5.18 -28.24 -7.57
CA ASN B 203 -5.17 -29.44 -8.41
C ASN B 203 -6.54 -30.08 -8.47
N GLY B 204 -7.27 -30.01 -7.36
CA GLY B 204 -8.64 -30.48 -7.33
C GLY B 204 -9.50 -29.69 -8.31
N GLN B 205 -9.38 -28.37 -8.29
CA GLN B 205 -10.19 -27.52 -9.17
C GLN B 205 -9.84 -27.76 -10.64
N ILE B 206 -8.56 -27.97 -10.90
CA ILE B 206 -8.10 -28.26 -12.27
C ILE B 206 -8.67 -29.59 -12.78
N HIS B 207 -8.60 -30.62 -11.93
CA HIS B 207 -9.16 -31.92 -12.29
CA HIS B 207 -9.18 -31.92 -12.25
C HIS B 207 -10.66 -31.79 -12.53
N ALA B 208 -11.31 -30.88 -11.81
CA ALA B 208 -12.75 -30.67 -11.90
C ALA B 208 -13.17 -29.81 -13.09
N GLY B 209 -12.19 -29.16 -13.72
CA GLY B 209 -12.47 -28.44 -14.95
C GLY B 209 -11.93 -27.02 -15.08
N ALA B 210 -11.25 -26.52 -14.06
CA ALA B 210 -10.61 -25.19 -14.17
C ALA B 210 -9.56 -25.19 -15.27
N GLN B 211 -9.52 -24.12 -16.05
CA GLN B 211 -8.64 -24.08 -17.22
C GLN B 211 -7.48 -23.09 -17.03
N ALA B 212 -7.54 -22.34 -15.94
CA ALA B 212 -6.44 -21.51 -15.46
C ALA B 212 -6.61 -21.41 -13.96
N VAL B 213 -5.55 -21.08 -13.23
CA VAL B 213 -5.68 -20.83 -11.79
C VAL B 213 -4.96 -19.55 -11.39
N GLN B 214 -5.53 -18.84 -10.43
CA GLN B 214 -4.90 -17.63 -9.90
C GLN B 214 -4.68 -17.77 -8.40
N ILE B 215 -3.48 -17.40 -7.96
CA ILE B 215 -3.19 -17.33 -6.53
C ILE B 215 -3.25 -15.89 -6.10
N PHE B 216 -4.16 -15.61 -5.17
CA PHE B 216 -4.38 -14.28 -4.64
C PHE B 216 -3.56 -14.12 -3.37
N ASP B 217 -2.46 -13.39 -3.45
CA ASP B 217 -1.65 -13.11 -2.27
C ASP B 217 -1.98 -11.70 -1.80
N SER B 218 -3.20 -11.57 -1.28
CA SER B 218 -3.82 -10.28 -1.01
C SER B 218 -3.07 -9.47 0.03
N TRP B 219 -2.44 -10.13 0.99
CA TRP B 219 -1.77 -9.37 2.05
C TRP B 219 -0.25 -9.46 1.97
N GLY B 220 0.26 -10.07 0.90
CA GLY B 220 1.70 -10.17 0.71
C GLY B 220 2.38 -8.83 0.60
N GLY B 221 1.65 -7.83 0.11
CA GLY B 221 2.18 -6.49 -0.05
C GLY B 221 2.47 -5.74 1.24
N SER B 222 2.10 -6.30 2.38
CA SER B 222 2.37 -5.62 3.64
C SER B 222 3.74 -6.06 4.22
N LEU B 223 4.34 -7.07 3.61
CA LEU B 223 5.62 -7.60 4.08
C LEU B 223 6.79 -6.76 3.61
N SER B 224 7.89 -6.78 4.38
CA SER B 224 9.12 -6.17 3.91
C SER B 224 9.62 -6.92 2.69
N ALA B 225 10.49 -6.31 1.90
CA ALA B 225 11.05 -6.97 0.73
C ALA B 225 11.62 -8.33 1.11
N ALA B 226 12.34 -8.41 2.22
CA ALA B 226 13.00 -9.66 2.64
C ALA B 226 11.98 -10.70 3.12
N ALA B 227 11.03 -10.25 3.93
CA ALA B 227 10.03 -11.15 4.48
C ALA B 227 9.12 -11.68 3.37
N TYR B 228 8.90 -10.87 2.33
CA TYR B 228 8.07 -11.34 1.22
C TYR B 228 8.70 -12.55 0.54
N GLN B 229 10.01 -12.47 0.32
CA GLN B 229 10.75 -13.57 -0.32
C GLN B 229 10.63 -14.86 0.49
N GLU B 230 10.80 -14.73 1.80
CA GLU B 230 10.94 -15.89 2.66
C GLU B 230 9.61 -16.48 3.08
N PHE B 231 8.63 -15.61 3.35
CA PHE B 231 7.39 -16.05 3.96
C PHE B 231 6.16 -16.00 3.06
N SER B 232 6.29 -15.43 1.87
CA SER B 232 5.17 -15.52 0.91
C SER B 232 5.60 -16.17 -0.40
N LEU B 233 6.54 -15.55 -1.10
CA LEU B 233 6.89 -16.01 -2.45
C LEU B 233 7.42 -17.44 -2.47
N ALA B 234 8.29 -17.78 -1.50
CA ALA B 234 8.88 -19.13 -1.49
C ALA B 234 7.80 -20.20 -1.44
N TYR B 235 6.69 -19.89 -0.78
CA TYR B 235 5.62 -20.86 -0.64
C TYR B 235 4.70 -20.88 -1.85
N MET B 236 4.60 -19.75 -2.57
CA MET B 236 3.89 -19.79 -3.85
C MET B 236 4.71 -20.59 -4.86
N ARG B 237 6.03 -20.45 -4.81
CA ARG B 237 6.88 -21.27 -5.67
C ARG B 237 6.68 -22.77 -5.41
N LYS B 238 6.62 -23.14 -4.13
CA LYS B 238 6.38 -24.54 -3.76
C LYS B 238 5.08 -25.03 -4.40
N ILE B 239 4.05 -24.20 -4.33
CA ILE B 239 2.75 -24.57 -4.91
C ILE B 239 2.86 -24.78 -6.41
N VAL B 240 3.42 -23.81 -7.12
CA VAL B 240 3.55 -23.90 -8.58
C VAL B 240 4.29 -25.18 -8.98
N ASP B 241 5.31 -25.54 -8.21
CA ASP B 241 6.07 -26.76 -8.47
C ASP B 241 5.20 -28.02 -8.35
N GLY B 242 4.10 -27.92 -7.61
CA GLY B 242 3.25 -29.08 -7.41
C GLY B 242 1.98 -29.07 -8.24
N LEU B 243 1.75 -28.01 -9.00
CA LEU B 243 0.50 -27.90 -9.75
C LEU B 243 0.47 -28.76 -11.00
N ILE B 244 -0.71 -29.25 -11.33
CA ILE B 244 -0.96 -29.85 -12.62
C ILE B 244 -0.84 -28.75 -13.68
N ARG B 245 0.11 -28.87 -14.60
CA ARG B 245 0.36 -27.78 -15.55
C ARG B 245 -0.40 -27.95 -16.86
N GLU B 246 -0.95 -29.15 -17.08
CA GLU B 246 -1.71 -29.44 -18.29
C GLU B 246 -2.96 -30.25 -17.95
N HIS B 247 -4.09 -29.92 -18.57
CA HIS B 247 -5.33 -30.68 -18.41
C HIS B 247 -6.21 -30.54 -19.66
N ASP B 248 -6.96 -31.59 -19.98
CA ASP B 248 -7.83 -31.60 -21.16
C ASP B 248 -7.12 -31.31 -22.48
N GLY B 249 -5.81 -31.56 -22.51
CA GLY B 249 -5.04 -31.36 -23.74
C GLY B 249 -4.61 -29.92 -23.96
N ARG B 250 -4.76 -29.09 -22.93
CA ARG B 250 -4.37 -27.67 -22.97
C ARG B 250 -3.45 -27.34 -21.80
N ARG B 251 -2.59 -26.34 -21.95
CA ARG B 251 -1.85 -25.84 -20.79
CA ARG B 251 -1.86 -25.84 -20.80
C ARG B 251 -2.81 -25.10 -19.88
N VAL B 252 -2.60 -25.23 -18.57
CA VAL B 252 -3.41 -24.56 -17.54
C VAL B 252 -2.55 -23.45 -16.94
N PRO B 253 -2.72 -22.22 -17.46
CA PRO B 253 -1.84 -21.11 -17.06
C PRO B 253 -2.01 -20.77 -15.58
N VAL B 254 -0.91 -20.35 -14.96
CA VAL B 254 -0.94 -19.95 -13.55
C VAL B 254 -0.67 -18.45 -13.43
N ILE B 255 -1.50 -17.76 -12.67
CA ILE B 255 -1.38 -16.33 -12.45
C ILE B 255 -1.07 -16.08 -10.97
N LEU B 256 0.04 -15.43 -10.69
CA LEU B 256 0.36 -15.02 -9.32
C LEU B 256 0.06 -13.56 -9.16
N PHE B 257 -0.70 -13.20 -8.14
CA PHE B 257 -1.05 -11.81 -7.92
C PHE B 257 -0.78 -11.40 -6.48
N THR B 258 0.29 -10.65 -6.28
CA THR B 258 0.51 -9.99 -4.98
C THR B 258 0.16 -8.52 -5.14
N LYS B 259 -0.99 -8.11 -4.59
CA LYS B 259 -1.32 -6.69 -4.59
C LYS B 259 -0.27 -5.89 -3.81
N GLY B 260 0.18 -4.79 -4.40
CA GLY B 260 1.24 -4.01 -3.80
C GLY B 260 2.59 -4.65 -3.97
N GLY B 261 2.69 -5.65 -4.87
CA GLY B 261 3.92 -6.40 -5.03
C GLY B 261 4.79 -5.97 -6.19
N GLY B 262 4.48 -4.82 -6.78
CA GLY B 262 5.18 -4.33 -7.96
C GLY B 262 6.69 -4.22 -7.86
N LEU B 263 7.19 -3.95 -6.65
CA LEU B 263 8.63 -3.86 -6.45
C LEU B 263 9.34 -5.20 -6.70
N TRP B 264 8.57 -6.28 -6.65
CA TRP B 264 9.15 -7.59 -6.52
C TRP B 264 8.93 -8.47 -7.75
N LEU B 265 8.48 -7.88 -8.86
CA LEU B 265 8.19 -8.63 -10.08
C LEU B 265 9.30 -9.55 -10.54
N GLU B 266 10.54 -9.09 -10.45
CA GLU B 266 11.67 -9.85 -10.98
C GLU B 266 11.78 -11.22 -10.34
N SER B 267 11.70 -11.29 -9.02
CA SER B 267 11.75 -12.59 -8.34
C SER B 267 10.48 -13.40 -8.62
N MET B 268 9.34 -12.72 -8.67
CA MET B 268 8.07 -13.39 -8.96
C MET B 268 8.10 -14.02 -10.33
N ALA B 269 8.84 -13.41 -11.24
CA ALA B 269 8.88 -13.88 -12.61
C ALA B 269 9.72 -15.16 -12.76
N GLU B 270 10.46 -15.52 -11.73
CA GLU B 270 11.34 -16.69 -11.82
C GLU B 270 10.74 -17.95 -11.17
N VAL B 271 9.50 -17.86 -10.73
CA VAL B 271 8.82 -18.94 -10.01
C VAL B 271 8.27 -19.99 -10.99
N GLY B 272 8.14 -19.62 -12.27
CA GLY B 272 7.65 -20.56 -13.25
C GLY B 272 6.17 -20.44 -13.58
N ALA B 273 5.48 -19.48 -12.97
CA ALA B 273 4.09 -19.22 -13.34
C ALA B 273 4.05 -18.47 -14.67
N GLU B 274 2.96 -18.61 -15.42
CA GLU B 274 2.81 -17.96 -16.72
C GLU B 274 2.62 -16.45 -16.67
N ALA B 275 1.94 -15.95 -15.64
CA ALA B 275 1.54 -14.57 -15.61
C ALA B 275 1.63 -13.98 -14.20
N LEU B 276 1.84 -12.66 -14.12
CA LEU B 276 1.81 -11.93 -12.86
C LEU B 276 0.71 -10.89 -12.90
N GLY B 277 -0.05 -10.76 -11.81
CA GLY B 277 -1.03 -9.71 -11.70
C GLY B 277 -0.36 -8.43 -11.24
N LEU B 278 -0.85 -7.30 -11.74
CA LEU B 278 -0.34 -5.98 -11.37
C LEU B 278 -1.42 -5.08 -10.80
N ASP B 279 -1.08 -4.21 -9.86
CA ASP B 279 -2.02 -3.15 -9.49
C ASP B 279 -1.58 -1.83 -10.14
N TRP B 280 -2.36 -0.77 -9.92
CA TRP B 280 -2.20 0.47 -10.67
C TRP B 280 -0.95 1.26 -10.33
N THR B 281 -0.32 0.94 -9.21
CA THR B 281 0.82 1.72 -8.77
C THR B 281 2.04 1.38 -9.63
N CYS B 282 1.99 0.24 -10.28
CA CYS B 282 3.07 -0.17 -11.16
C CYS B 282 2.73 0.22 -12.60
N ASP B 283 3.59 1.01 -13.22
CA ASP B 283 3.43 1.34 -14.64
C ASP B 283 3.53 0.04 -15.44
N ILE B 284 2.55 -0.25 -16.28
CA ILE B 284 2.54 -1.55 -16.95
C ILE B 284 3.59 -1.59 -18.08
N GLY B 285 3.97 -0.43 -18.60
CA GLY B 285 5.04 -0.39 -19.58
C GLY B 285 6.36 -0.74 -18.92
N SER B 286 6.60 -0.16 -17.74
CA SER B 286 7.78 -0.50 -16.96
C SER B 286 7.78 -1.98 -16.57
N ALA B 287 6.62 -2.51 -16.19
CA ALA B 287 6.52 -3.93 -15.84
C ALA B 287 6.88 -4.80 -17.04
N ARG B 288 6.42 -4.41 -18.23
CA ARG B 288 6.72 -5.21 -19.41
C ARG B 288 8.22 -5.18 -19.69
N ALA B 289 8.86 -4.03 -19.44
CA ALA B 289 10.30 -3.94 -19.64
C ALA B 289 11.06 -4.83 -18.66
N ARG B 290 10.62 -4.80 -17.40
CA ARG B 290 11.29 -5.54 -16.33
C ARG B 290 11.14 -7.06 -16.44
N VAL B 291 9.95 -7.56 -16.77
CA VAL B 291 9.72 -9.00 -16.72
C VAL B 291 8.90 -9.55 -17.90
N GLY B 292 8.57 -8.70 -18.86
CA GLY B 292 7.71 -9.09 -19.97
C GLY B 292 8.22 -10.26 -20.77
N GLU B 293 9.55 -10.41 -20.82
CA GLU B 293 10.14 -11.50 -21.58
C GLU B 293 9.89 -12.84 -20.89
N ARG B 294 9.59 -12.80 -19.59
CA ARG B 294 9.43 -14.03 -18.81
C ARG B 294 7.97 -14.39 -18.48
N VAL B 295 7.10 -13.38 -18.39
CA VAL B 295 5.70 -13.62 -18.02
C VAL B 295 4.71 -12.78 -18.81
N ALA B 296 3.48 -13.26 -18.89
CA ALA B 296 2.38 -12.41 -19.29
C ALA B 296 2.02 -11.51 -18.10
N LEU B 297 1.33 -10.41 -18.38
CA LEU B 297 0.93 -9.50 -17.32
C LEU B 297 -0.58 -9.31 -17.33
N GLN B 298 -1.16 -9.22 -16.14
CA GLN B 298 -2.60 -9.01 -15.99
C GLN B 298 -2.84 -7.76 -15.15
N GLY B 299 -3.73 -6.88 -15.60
CA GLY B 299 -4.01 -5.65 -14.87
C GLY B 299 -4.16 -4.45 -15.80
N ASN B 300 -4.12 -3.23 -15.26
CA ASN B 300 -3.85 -2.98 -13.85
C ASN B 300 -4.69 -1.81 -13.32
N MET B 301 -5.85 -1.57 -13.92
CA MET B 301 -6.53 -0.29 -13.74
C MET B 301 -7.03 -0.06 -12.32
N ASP B 302 -6.88 1.18 -11.85
CA ASP B 302 -7.39 1.59 -10.55
C ASP B 302 -8.92 1.49 -10.64
N PRO B 303 -9.54 0.68 -9.74
CA PRO B 303 -10.99 0.53 -9.75
C PRO B 303 -11.75 1.84 -9.57
N SER B 304 -11.12 2.85 -8.97
CA SER B 304 -11.81 4.12 -8.71
C SER B 304 -12.18 4.83 -10.01
N VAL B 305 -11.46 4.52 -11.08
CA VAL B 305 -11.74 5.06 -12.41
C VAL B 305 -13.17 4.78 -12.84
N LEU B 306 -13.72 3.66 -12.38
CA LEU B 306 -15.07 3.25 -12.76
C LEU B 306 -16.14 4.17 -12.18
N TYR B 307 -15.75 5.01 -11.22
CA TYR B 307 -16.64 6.00 -10.65
C TYR B 307 -16.66 7.28 -11.48
N ALA B 308 -15.75 7.39 -12.45
CA ALA B 308 -15.68 8.58 -13.30
C ALA B 308 -16.57 8.42 -14.54
N ASN B 309 -16.75 9.49 -15.31
CA ASN B 309 -17.58 9.44 -16.51
C ASN B 309 -17.00 8.49 -17.57
N PRO B 310 -17.85 7.95 -18.47
CA PRO B 310 -17.36 6.99 -19.47
C PRO B 310 -16.20 7.49 -20.31
N ALA B 311 -16.17 8.79 -20.61
CA ALA B 311 -15.06 9.36 -21.38
C ALA B 311 -13.74 9.18 -20.61
N ALA B 312 -13.77 9.43 -19.31
CA ALA B 312 -12.56 9.30 -18.51
C ALA B 312 -12.17 7.83 -18.43
N ILE B 313 -13.16 6.95 -18.37
CA ILE B 313 -12.87 5.52 -18.29
C ILE B 313 -12.18 5.08 -19.59
N ARG B 314 -12.71 5.54 -20.72
CA ARG B 314 -12.10 5.22 -22.01
C ARG B 314 -10.70 5.75 -22.10
N ALA B 315 -10.49 6.98 -21.61
CA ALA B 315 -9.17 7.61 -21.68
C ALA B 315 -8.15 6.80 -20.88
N GLU B 316 -8.57 6.32 -19.72
CA GLU B 316 -7.65 5.58 -18.86
C GLU B 316 -7.34 4.21 -19.47
N VAL B 317 -8.34 3.56 -20.07
CA VAL B 317 -8.07 2.33 -20.82
C VAL B 317 -7.04 2.61 -21.93
N ALA B 318 -7.24 3.69 -22.66
CA ALA B 318 -6.33 4.00 -23.77
C ALA B 318 -4.90 4.22 -23.27
N ARG B 319 -4.77 4.88 -22.11
CA ARG B 319 -3.45 5.18 -21.58
C ARG B 319 -2.71 3.88 -21.26
N ILE B 320 -3.42 2.95 -20.64
CA ILE B 320 -2.83 1.70 -20.19
C ILE B 320 -2.47 0.82 -21.39
N LEU B 321 -3.34 0.78 -22.39
CA LEU B 321 -3.04 0.05 -23.61
C LEU B 321 -1.79 0.59 -24.28
N ALA B 322 -1.70 1.92 -24.33
CA ALA B 322 -0.55 2.58 -24.94
C ALA B 322 0.73 2.24 -24.17
N ALA B 323 0.62 2.20 -22.84
CA ALA B 323 1.77 1.91 -21.99
C ALA B 323 2.26 0.49 -22.23
N TYR B 324 1.34 -0.47 -22.30
CA TYR B 324 1.74 -1.85 -22.56
C TYR B 324 2.32 -2.00 -23.96
N GLY B 325 1.65 -1.40 -24.95
CA GLY B 325 2.17 -1.40 -26.31
C GLY B 325 1.68 -2.56 -27.15
N LYS B 326 2.41 -2.83 -28.24
CA LYS B 326 1.97 -3.81 -29.23
C LYS B 326 2.28 -5.24 -28.83
N GLY B 327 1.41 -6.15 -29.24
CA GLY B 327 1.69 -7.57 -29.15
C GLY B 327 0.96 -8.25 -28.01
N THR B 328 0.99 -9.58 -28.03
CA THR B 328 0.32 -10.39 -27.03
C THR B 328 1.02 -10.33 -25.65
N GLY B 329 0.46 -11.01 -24.67
CA GLY B 329 1.06 -11.08 -23.35
C GLY B 329 0.43 -10.18 -22.29
N HIS B 330 -0.70 -9.57 -22.61
CA HIS B 330 -1.44 -8.73 -21.67
C HIS B 330 -2.90 -9.19 -21.51
N VAL B 331 -3.34 -9.37 -20.27
CA VAL B 331 -4.76 -9.55 -20.02
C VAL B 331 -5.24 -8.33 -19.20
N PHE B 332 -6.19 -7.57 -19.75
CA PHE B 332 -6.65 -6.36 -19.05
C PHE B 332 -7.49 -6.75 -17.85
N ASN B 333 -7.28 -6.07 -16.74
CA ASN B 333 -8.06 -6.29 -15.54
C ASN B 333 -7.92 -5.05 -14.65
N LEU B 334 -8.65 -5.01 -13.55
CA LEU B 334 -8.39 -3.97 -12.56
C LEU B 334 -7.20 -4.42 -11.73
N GLY B 335 -6.71 -3.55 -10.85
CA GLY B 335 -5.65 -3.92 -9.93
C GLY B 335 -6.19 -4.37 -8.58
N HIS B 336 -7.52 -4.38 -8.45
CA HIS B 336 -8.21 -4.78 -7.24
C HIS B 336 -9.65 -5.09 -7.63
N GLY B 337 -10.44 -5.66 -6.73
CA GLY B 337 -11.83 -5.90 -7.02
C GLY B 337 -12.68 -4.64 -7.17
N ILE B 338 -13.69 -4.74 -8.03
CA ILE B 338 -14.68 -3.67 -8.17
C ILE B 338 -15.42 -3.52 -6.84
N THR B 339 -15.95 -2.32 -6.57
CA THR B 339 -16.67 -2.05 -5.32
C THR B 339 -18.20 -1.97 -5.55
N PRO B 340 -19.01 -2.22 -4.50
CA PRO B 340 -20.47 -2.36 -4.66
C PRO B 340 -21.22 -1.16 -5.23
N GLU B 341 -20.64 0.04 -5.23
CA GLU B 341 -21.38 1.23 -5.64
C GLU B 341 -21.14 1.63 -7.10
N VAL B 342 -20.36 0.83 -7.81
CA VAL B 342 -20.07 1.13 -9.21
C VAL B 342 -21.32 0.86 -10.03
N ASP B 343 -21.59 1.76 -10.98
CA ASP B 343 -22.67 1.62 -11.94
C ASP B 343 -22.31 0.48 -12.92
N PRO B 344 -23.18 -0.55 -13.04
CA PRO B 344 -22.87 -1.64 -13.99
C PRO B 344 -22.61 -1.15 -15.41
N ALA B 345 -23.21 -0.02 -15.79
CA ALA B 345 -22.99 0.55 -17.11
C ALA B 345 -21.57 1.10 -17.27
N HIS B 346 -20.99 1.59 -16.18
CA HIS B 346 -19.60 2.05 -16.24
C HIS B 346 -18.64 0.88 -16.36
N ALA B 347 -18.96 -0.22 -15.69
CA ALA B 347 -18.19 -1.45 -15.86
C ALA B 347 -18.24 -1.89 -17.31
N GLY B 348 -19.43 -1.82 -17.90
CA GLY B 348 -19.58 -2.22 -19.30
C GLY B 348 -18.79 -1.35 -20.26
N ALA B 349 -18.75 -0.05 -20.00
CA ALA B 349 -18.00 0.89 -20.83
C ALA B 349 -16.51 0.57 -20.79
N PHE B 350 -16.04 0.19 -19.60
CA PHE B 350 -14.68 -0.31 -19.43
C PHE B 350 -14.42 -1.54 -20.34
N PHE B 351 -15.21 -2.61 -20.22
CA PHE B 351 -14.96 -3.82 -21.02
C PHE B 351 -14.99 -3.53 -22.53
N GLU B 352 -15.99 -2.75 -22.95
CA GLU B 352 -16.11 -2.38 -24.36
C GLU B 352 -14.87 -1.62 -24.85
N ALA B 353 -14.41 -0.68 -24.04
CA ALA B 353 -13.23 0.12 -24.36
C ALA B 353 -12.01 -0.76 -24.58
N VAL B 354 -11.82 -1.77 -23.72
CA VAL B 354 -10.67 -2.64 -23.86
C VAL B 354 -10.69 -3.34 -25.22
N HIS B 355 -11.83 -3.91 -25.61
CA HIS B 355 -11.88 -4.60 -26.89
C HIS B 355 -11.77 -3.62 -28.06
N GLU B 356 -12.46 -2.50 -27.95
CA GLU B 356 -12.49 -1.54 -29.05
C GLU B 356 -11.12 -0.91 -29.29
N LEU B 357 -10.49 -0.44 -28.23
CA LEU B 357 -9.26 0.32 -28.38
C LEU B 357 -8.00 -0.53 -28.52
N SER B 358 -8.06 -1.80 -28.12
CA SER B 358 -6.85 -2.64 -28.11
C SER B 358 -6.54 -3.27 -29.46
N ALA B 359 -7.54 -3.27 -30.34
CA ALA B 359 -7.38 -3.92 -31.64
C ALA B 359 -6.16 -3.38 -32.38
N GLN B 360 -5.91 -2.08 -32.28
CA GLN B 360 -4.79 -1.47 -33.00
C GLN B 360 -3.44 -1.97 -32.52
N TYR B 361 -3.40 -2.58 -31.34
CA TYR B 361 -2.12 -3.02 -30.78
C TYR B 361 -1.78 -4.48 -31.10
N HIS B 362 -2.63 -5.13 -31.91
CA HIS B 362 -2.40 -6.52 -32.31
C HIS B 362 -2.32 -6.67 -33.82
N GLY B 363 -1.53 -7.65 -34.27
CA GLY B 363 -1.35 -7.90 -35.69
C GLY B 363 0.08 -7.62 -36.12
#